data_6OQ7
#
_entry.id   6OQ7
#
_cell.length_a   66.018
_cell.length_b   104.096
_cell.length_c   113.825
_cell.angle_alpha   90.00
_cell.angle_beta   90.00
_cell.angle_gamma   90.00
#
_symmetry.space_group_name_H-M   'P 21 21 21'
#
loop_
_entity.id
_entity.type
_entity.pdbx_description
1 polymer 'Toxin B'
2 polymer E3
3 non-polymer "URIDINE-5'-DIPHOSPHATE"
4 non-polymer alpha-D-glucopyranose
5 non-polymer 'MANGANESE (II) ION'
6 non-polymer 'MAGNESIUM ION'
7 water water
#
loop_
_entity_poly.entity_id
_entity_poly.type
_entity_poly.pdbx_seq_one_letter_code
_entity_poly.pdbx_strand_id
1 'polypeptide(L)'
;MSLVNRKQLEKMANVRFRVQEDEYVAILDALEEYHNMSENTVVEKYLKLKDINSLTDTYIDTYKKSGRNKALKKFKEYLV
IEILELKNSNLTPVEKNLHFIWIGGQINDTAINYINQWKDVNSDYNVNVFYDSNAFLINTLKKTIIESASNDTLESFREN
LNDPEFNHTAFFRKRMQIIYDKQQNFINYYKAQKEENPDLIIDDIVKTYLSNEYSKDIDELNAYIEESLNKVTENSGNDV
RNFEEFKTGEVFNLYEQELVERWNLAGASDILRVAILKNIGGVYLDVDMLPGIHPDLFKDINKPDSVKTAVDWEEMQLEA
IMKHKEYIPEYTSKHFDTLDEEVQSSFESVLASKSDKSEIFLPLGDIEVSPLEVKIAFAKGSIINQALISAKDSYCSDLL
IKQIQNRYKILNDTLGPIISQGNDFNTTMNNFGESLGAIANEENISFIAKIGSYLRVGFYPEANTTITLSGPTIYAGAYK
DLLTFKEMSIDTSILSSELRNFEFPKVNISQATEQEKNSLWQFNEERAKIQFEEYKKNYFEGAHHHHHH
;
A
2 'polypeptide(L)'
;SNSQVQLVESGGGLVQTGGSLRLSCASSGSIAGFETVTWSRQAPGKSLQWVASMTKTNNEIYSDSVKGRFIISRDNAKNT
VYLQMNSLKPEDTGVYFCKGPELRGQGIQVTVSSEPKTPKPQTSGAPVPYPDPLEPR
;
C
#
loop_
_chem_comp.id
_chem_comp.type
_chem_comp.name
_chem_comp.formula
GLC D-saccharide, alpha linking alpha-D-glucopyranose 'C6 H12 O6'
MG non-polymer 'MAGNESIUM ION' 'Mg 2'
MN non-polymer 'MANGANESE (II) ION' 'Mn 2'
UDP RNA linking URIDINE-5'-DIPHOSPHATE 'C9 H14 N2 O12 P2'
#
# COMPACT_ATOMS: atom_id res chain seq x y z
N SER A 2 -16.68 10.87 -20.58
CA SER A 2 -17.54 11.29 -19.45
C SER A 2 -18.66 10.28 -19.25
N LEU A 3 -19.11 10.12 -18.00
CA LEU A 3 -20.11 9.13 -17.65
C LEU A 3 -21.47 9.57 -18.19
N VAL A 4 -22.24 8.60 -18.73
CA VAL A 4 -23.62 8.81 -19.14
C VAL A 4 -24.39 9.56 -18.05
N ASN A 5 -25.28 10.47 -18.48
CA ASN A 5 -26.18 11.16 -17.56
C ASN A 5 -27.45 10.33 -17.40
N ARG A 6 -28.39 10.87 -16.62
CA ARG A 6 -29.59 10.15 -16.23
C ARG A 6 -30.34 9.66 -17.48
N LYS A 7 -30.56 10.58 -18.42
CA LYS A 7 -31.37 10.30 -19.59
C LYS A 7 -30.70 9.25 -20.47
N GLN A 8 -29.36 9.28 -20.53
CA GLN A 8 -28.61 8.32 -21.33
C GLN A 8 -28.70 6.92 -20.73
N LEU A 9 -28.64 6.81 -19.38
CA LEU A 9 -28.85 5.54 -18.72
C LEU A 9 -30.28 5.04 -18.99
N GLU A 10 -31.25 5.95 -18.93
CA GLU A 10 -32.64 5.60 -19.20
C GLU A 10 -32.80 4.97 -20.58
N LYS A 11 -32.06 5.49 -21.58
CA LYS A 11 -32.12 4.96 -22.93
C LYS A 11 -31.45 3.58 -22.99
N MET A 12 -30.34 3.42 -22.26
CA MET A 12 -29.62 2.16 -22.18
C MET A 12 -30.48 1.07 -21.54
N ALA A 13 -31.05 1.38 -20.36
CA ALA A 13 -31.66 0.35 -19.52
C ALA A 13 -33.18 0.27 -19.75
N ASN A 14 -33.64 0.92 -20.83
CA ASN A 14 -35.03 0.89 -21.23
C ASN A 14 -35.46 -0.53 -21.62
N VAL A 15 -36.56 -0.99 -21.03
CA VAL A 15 -37.25 -2.19 -21.48
C VAL A 15 -38.72 -1.82 -21.68
N ARG A 16 -39.21 -1.98 -22.92
CA ARG A 16 -40.57 -1.59 -23.25
C ARG A 16 -41.56 -2.36 -22.38
N PHE A 17 -42.52 -1.62 -21.81
CA PHE A 17 -43.64 -2.07 -20.99
C PHE A 17 -43.24 -2.31 -19.53
N ARG A 18 -41.94 -2.25 -19.23
CA ARG A 18 -41.50 -2.50 -17.86
C ARG A 18 -41.58 -1.20 -17.05
N VAL A 19 -42.30 -1.25 -15.94
CA VAL A 19 -42.44 -0.07 -15.11
C VAL A 19 -41.14 0.18 -14.34
N GLN A 20 -40.81 1.46 -14.12
CA GLN A 20 -39.61 1.84 -13.41
C GLN A 20 -39.70 1.44 -11.93
N GLU A 21 -38.93 0.42 -11.56
CA GLU A 21 -38.89 -0.09 -10.19
C GLU A 21 -38.22 0.95 -9.29
N ASP A 22 -38.51 0.86 -7.99
CA ASP A 22 -37.94 1.77 -7.01
C ASP A 22 -36.41 1.62 -6.94
N GLU A 23 -35.91 0.40 -7.17
CA GLU A 23 -34.47 0.17 -7.09
C GLU A 23 -33.77 0.74 -8.32
N TYR A 24 -34.52 0.86 -9.44
CA TYR A 24 -34.04 1.49 -10.66
C TYR A 24 -33.99 3.01 -10.44
N VAL A 25 -35.08 3.57 -9.92
CA VAL A 25 -35.14 5.01 -9.68
C VAL A 25 -34.02 5.42 -8.71
N ALA A 26 -33.67 4.53 -7.78
CA ALA A 26 -32.56 4.78 -6.87
C ALA A 26 -31.29 5.04 -7.67
N ILE A 27 -31.07 4.24 -8.72
CA ILE A 27 -29.88 4.36 -9.55
C ILE A 27 -29.92 5.68 -10.33
N LEU A 28 -31.06 5.96 -10.98
CA LEU A 28 -31.19 7.10 -11.88
C LEU A 28 -31.04 8.41 -11.10
N ASP A 29 -31.65 8.47 -9.91
CA ASP A 29 -31.59 9.65 -9.06
C ASP A 29 -30.17 9.88 -8.55
N ALA A 30 -29.45 8.79 -8.25
CA ALA A 30 -28.10 8.93 -7.72
C ALA A 30 -27.14 9.33 -8.84
N LEU A 31 -27.41 8.87 -10.06
CA LEU A 31 -26.59 9.25 -11.20
C LEU A 31 -26.76 10.73 -11.49
N GLU A 32 -28.02 11.20 -11.43
CA GLU A 32 -28.35 12.60 -11.59
C GLU A 32 -27.65 13.44 -10.51
N GLU A 33 -27.63 12.94 -9.27
CA GLU A 33 -26.97 13.66 -8.20
C GLU A 33 -25.47 13.75 -8.44
N TYR A 34 -24.88 12.69 -9.02
CA TYR A 34 -23.47 12.70 -9.35
C TYR A 34 -23.16 13.85 -10.31
N HIS A 35 -24.04 14.07 -11.29
CA HIS A 35 -23.77 15.06 -12.33
C HIS A 35 -23.97 16.49 -11.84
N ASN A 36 -24.54 16.64 -10.63
CA ASN A 36 -24.76 17.95 -10.03
C ASN A 36 -23.79 18.16 -8.87
N MET A 37 -22.55 17.68 -9.00
CA MET A 37 -21.59 17.80 -7.91
C MET A 37 -20.43 18.71 -8.29
N SER A 38 -20.73 19.88 -8.87
CA SER A 38 -19.71 20.84 -9.28
C SER A 38 -18.76 21.16 -8.12
N GLU A 39 -19.34 21.35 -6.92
CA GLU A 39 -18.70 21.96 -5.76
C GLU A 39 -17.95 20.94 -4.90
N ASN A 40 -17.93 19.66 -5.28
CA ASN A 40 -17.49 18.61 -4.38
C ASN A 40 -16.03 18.21 -4.64
N THR A 41 -15.39 17.65 -3.61
CA THR A 41 -14.02 17.17 -3.69
C THR A 41 -13.96 15.90 -4.54
N VAL A 42 -12.72 15.54 -4.94
CA VAL A 42 -12.45 14.38 -5.78
C VAL A 42 -12.89 13.11 -5.06
N VAL A 43 -12.64 13.00 -3.74
CA VAL A 43 -13.00 11.78 -3.04
C VAL A 43 -14.52 11.69 -2.87
N GLU A 44 -15.16 12.85 -2.63
CA GLU A 44 -16.61 12.90 -2.53
C GLU A 44 -17.24 12.38 -3.83
N LYS A 45 -16.70 12.83 -4.98
CA LYS A 45 -17.19 12.34 -6.26
C LYS A 45 -16.97 10.83 -6.35
N TYR A 46 -15.80 10.38 -5.90
CA TYR A 46 -15.46 8.97 -5.95
C TYR A 46 -16.45 8.16 -5.11
N LEU A 47 -16.78 8.65 -3.91
CA LEU A 47 -17.68 7.94 -3.02
C LEU A 47 -19.10 7.96 -3.59
N LYS A 48 -19.42 8.95 -4.43
CA LYS A 48 -20.72 8.97 -5.06
C LYS A 48 -20.81 7.85 -6.10
N LEU A 49 -19.69 7.63 -6.82
CA LEU A 49 -19.64 6.56 -7.81
C LEU A 49 -19.81 5.22 -7.11
N LYS A 50 -19.16 5.07 -5.94
CA LYS A 50 -19.26 3.87 -5.14
C LYS A 50 -20.72 3.62 -4.77
N ASP A 51 -21.43 4.70 -4.40
CA ASP A 51 -22.83 4.61 -4.04
C ASP A 51 -23.67 4.08 -5.21
N ILE A 52 -23.45 4.67 -6.39
CA ILE A 52 -24.16 4.29 -7.61
C ILE A 52 -23.88 2.81 -7.89
N ASN A 53 -22.63 2.40 -7.68
CA ASN A 53 -22.23 1.02 -7.89
C ASN A 53 -23.02 0.08 -6.98
N SER A 54 -23.16 0.44 -5.69
CA SER A 54 -23.85 -0.40 -4.75
C SER A 54 -25.35 -0.50 -5.07
N LEU A 55 -25.95 0.65 -5.43
CA LEU A 55 -27.36 0.69 -5.82
C LEU A 55 -27.57 -0.18 -7.05
N THR A 56 -26.57 -0.19 -7.96
CA THR A 56 -26.67 -0.96 -9.19
C THR A 56 -26.63 -2.44 -8.86
N ASP A 57 -25.71 -2.84 -7.97
CA ASP A 57 -25.59 -4.22 -7.54
C ASP A 57 -26.89 -4.70 -6.88
N THR A 58 -27.50 -3.81 -6.09
CA THR A 58 -28.71 -4.14 -5.37
C THR A 58 -29.86 -4.45 -6.34
N TYR A 59 -29.98 -3.63 -7.39
CA TYR A 59 -31.01 -3.84 -8.40
C TYR A 59 -30.87 -5.22 -9.03
N ILE A 60 -29.64 -5.56 -9.46
CA ILE A 60 -29.33 -6.76 -10.22
C ILE A 60 -29.65 -7.99 -9.38
N ASP A 61 -29.32 -7.91 -8.09
CA ASP A 61 -29.59 -8.96 -7.13
C ASP A 61 -31.09 -9.12 -6.89
N THR A 62 -31.85 -8.04 -7.06
CA THR A 62 -33.28 -8.06 -6.75
C THR A 62 -34.08 -8.66 -7.91
N TYR A 63 -33.71 -8.31 -9.15
CA TYR A 63 -34.41 -8.77 -10.34
C TYR A 63 -33.40 -9.48 -11.24
N LYS A 64 -33.13 -10.75 -10.92
CA LYS A 64 -32.01 -11.48 -11.50
C LYS A 64 -32.25 -11.75 -12.98
N LYS A 65 -33.52 -11.73 -13.41
CA LYS A 65 -33.87 -12.02 -14.79
C LYS A 65 -34.37 -10.76 -15.50
N SER A 66 -34.06 -9.59 -14.93
CA SER A 66 -34.49 -8.31 -15.48
C SER A 66 -33.85 -8.11 -16.85
N GLY A 67 -34.63 -7.53 -17.77
CA GLY A 67 -34.16 -7.13 -19.08
C GLY A 67 -33.24 -5.90 -19.02
N ARG A 68 -33.11 -5.30 -17.83
CA ARG A 68 -32.27 -4.13 -17.65
C ARG A 68 -30.81 -4.52 -17.37
N ASN A 69 -30.62 -5.76 -16.90
CA ASN A 69 -29.37 -6.19 -16.27
C ASN A 69 -28.20 -6.06 -17.23
N LYS A 70 -28.43 -6.42 -18.51
CA LYS A 70 -27.39 -6.35 -19.52
C LYS A 70 -26.81 -4.94 -19.57
N ALA A 71 -27.70 -3.93 -19.60
CA ALA A 71 -27.32 -2.54 -19.70
C ALA A 71 -26.68 -2.06 -18.39
N LEU A 72 -27.17 -2.58 -17.26
CA LEU A 72 -26.69 -2.15 -15.96
C LEU A 72 -25.27 -2.66 -15.71
N LYS A 73 -24.98 -3.88 -16.18
CA LYS A 73 -23.65 -4.45 -16.08
C LYS A 73 -22.67 -3.66 -16.97
N LYS A 74 -23.18 -3.15 -18.09
CA LYS A 74 -22.38 -2.28 -18.94
C LYS A 74 -22.12 -0.96 -18.21
N PHE A 75 -23.17 -0.44 -17.57
CA PHE A 75 -23.09 0.78 -16.78
C PHE A 75 -22.02 0.64 -15.70
N LYS A 76 -22.01 -0.50 -15.01
CA LYS A 76 -21.04 -0.74 -13.96
C LYS A 76 -19.60 -0.58 -14.48
N GLU A 77 -19.36 -1.01 -15.72
CA GLU A 77 -18.06 -0.86 -16.35
C GLU A 77 -17.78 0.62 -16.64
N TYR A 78 -18.85 1.37 -16.95
CA TYR A 78 -18.69 2.78 -17.25
C TYR A 78 -18.26 3.51 -15.98
N LEU A 79 -18.71 3.02 -14.83
CA LEU A 79 -18.34 3.64 -13.57
C LEU A 79 -16.83 3.59 -13.38
N VAL A 80 -16.21 2.47 -13.79
CA VAL A 80 -14.78 2.27 -13.65
C VAL A 80 -14.03 3.23 -14.57
N ILE A 81 -14.57 3.44 -15.78
CA ILE A 81 -13.98 4.38 -16.71
C ILE A 81 -13.99 5.78 -16.09
N GLU A 82 -15.10 6.12 -15.41
CA GLU A 82 -15.26 7.42 -14.77
C GLU A 82 -14.23 7.61 -13.67
N ILE A 83 -13.90 6.53 -12.94
CA ILE A 83 -12.91 6.62 -11.88
C ILE A 83 -11.59 7.14 -12.48
N LEU A 84 -11.17 6.50 -13.58
CA LEU A 84 -9.90 6.79 -14.22
C LEU A 84 -9.89 8.20 -14.80
N GLU A 85 -11.04 8.62 -15.33
CA GLU A 85 -11.20 10.00 -15.79
C GLU A 85 -11.01 10.95 -14.62
N LEU A 86 -11.80 10.75 -13.54
CA LEU A 86 -11.63 11.48 -12.29
C LEU A 86 -10.14 11.56 -11.94
N LYS A 87 -9.50 10.39 -11.84
CA LYS A 87 -8.09 10.29 -11.44
C LYS A 87 -7.19 11.12 -12.37
N ASN A 88 -7.43 11.02 -13.68
CA ASN A 88 -6.50 11.52 -14.70
C ASN A 88 -6.82 12.95 -15.10
N SER A 89 -7.89 13.56 -14.55
CA SER A 89 -8.37 14.84 -15.04
C SER A 89 -8.23 15.94 -13.99
N ASN A 90 -8.17 15.54 -12.72
CA ASN A 90 -8.25 16.49 -11.63
C ASN A 90 -7.04 16.29 -10.72
N LEU A 91 -6.00 17.11 -10.94
CA LEU A 91 -4.71 16.98 -10.27
C LEU A 91 -4.49 18.15 -9.31
N THR A 92 -3.98 17.84 -8.12
CA THR A 92 -3.51 18.86 -7.19
C THR A 92 -1.98 18.84 -7.19
N PRO A 93 -1.30 19.95 -6.84
CA PRO A 93 0.16 19.93 -6.71
C PRO A 93 0.61 19.00 -5.60
N VAL A 94 1.77 18.36 -5.81
CA VAL A 94 2.41 17.50 -4.84
C VAL A 94 3.22 18.39 -3.91
N GLU A 95 3.03 18.20 -2.60
CA GLU A 95 3.86 18.82 -1.59
C GLU A 95 5.31 18.57 -1.94
N LYS A 96 6.12 19.62 -1.90
CA LYS A 96 7.51 19.55 -2.31
C LYS A 96 8.38 19.01 -1.18
N ASN A 97 8.18 17.73 -0.87
CA ASN A 97 9.00 17.00 0.07
C ASN A 97 9.63 15.81 -0.65
N LEU A 98 10.93 15.59 -0.40
CA LEU A 98 11.60 14.34 -0.74
C LEU A 98 11.80 13.54 0.56
N HIS A 99 11.28 12.32 0.59
CA HIS A 99 11.38 11.47 1.77
C HIS A 99 12.28 10.29 1.49
N PHE A 100 13.26 10.12 2.38
CA PHE A 100 14.16 8.96 2.40
C PHE A 100 14.06 8.30 3.78
N ILE A 101 14.42 7.02 3.84
CA ILE A 101 14.47 6.24 5.07
C ILE A 101 15.82 5.53 5.17
N TRP A 102 16.53 5.73 6.28
CA TRP A 102 17.57 4.81 6.71
C TRP A 102 17.38 4.42 8.17
N ILE A 103 16.91 3.20 8.41
CA ILE A 103 16.67 2.71 9.77
C ILE A 103 17.51 1.48 10.06
N GLY A 104 17.82 1.27 11.34
CA GLY A 104 18.42 0.02 11.80
C GLY A 104 19.92 0.10 12.05
N GLY A 105 20.57 1.14 11.52
CA GLY A 105 22.02 1.27 11.67
C GLY A 105 22.50 2.62 11.16
N GLN A 106 23.83 2.80 11.16
CA GLN A 106 24.43 4.04 10.72
C GLN A 106 24.23 4.21 9.23
N ILE A 107 23.76 5.39 8.82
CA ILE A 107 23.67 5.70 7.41
C ILE A 107 25.08 5.73 6.80
N ASN A 108 25.22 5.07 5.65
CA ASN A 108 26.48 4.97 4.95
C ASN A 108 26.70 6.22 4.08
N ASP A 109 27.97 6.56 3.89
CA ASP A 109 28.39 7.67 3.06
C ASP A 109 27.85 7.53 1.63
N THR A 110 27.63 6.30 1.17
CA THR A 110 27.09 6.06 -0.16
C THR A 110 25.66 6.60 -0.28
N ALA A 111 24.83 6.31 0.72
CA ALA A 111 23.46 6.79 0.74
C ALA A 111 23.45 8.33 0.71
N ILE A 112 24.29 8.95 1.55
CA ILE A 112 24.39 10.40 1.64
C ILE A 112 24.65 11.00 0.27
N ASN A 113 25.60 10.42 -0.47
CA ASN A 113 26.07 10.97 -1.73
C ASN A 113 24.97 10.93 -2.79
N TYR A 114 24.16 9.86 -2.78
CA TYR A 114 23.02 9.76 -3.69
C TYR A 114 21.98 10.81 -3.32
N ILE A 115 21.68 10.89 -2.01
CA ILE A 115 20.73 11.87 -1.49
C ILE A 115 21.14 13.28 -1.95
N ASN A 116 22.44 13.60 -1.85
CA ASN A 116 22.95 14.93 -2.13
C ASN A 116 22.68 15.34 -3.57
N GLN A 117 22.51 14.37 -4.47
CA GLN A 117 22.30 14.66 -5.88
C GLN A 117 20.90 15.23 -6.09
N TRP A 118 19.92 14.67 -5.36
CA TRP A 118 18.55 15.17 -5.39
C TRP A 118 18.52 16.58 -4.80
N LYS A 119 19.22 16.77 -3.68
CA LYS A 119 19.29 18.08 -3.02
C LYS A 119 19.86 19.13 -3.97
N ASP A 120 20.88 18.77 -4.75
CA ASP A 120 21.60 19.76 -5.55
C ASP A 120 20.75 20.30 -6.69
N VAL A 121 19.79 19.51 -7.19
CA VAL A 121 19.04 19.94 -8.36
C VAL A 121 17.58 20.25 -7.97
N ASN A 122 17.29 20.22 -6.67
CA ASN A 122 15.93 20.44 -6.18
C ASN A 122 15.97 21.34 -4.94
N SER A 123 16.48 22.57 -5.10
CA SER A 123 16.67 23.49 -4.00
C SER A 123 15.32 23.90 -3.40
N ASP A 124 14.25 23.76 -4.18
CA ASP A 124 12.90 24.14 -3.77
C ASP A 124 12.20 23.01 -3.02
N TYR A 125 12.90 21.88 -2.81
CA TYR A 125 12.30 20.74 -2.12
C TYR A 125 12.83 20.64 -0.69
N ASN A 126 11.93 20.27 0.22
CA ASN A 126 12.28 19.92 1.59
C ASN A 126 12.66 18.44 1.62
N VAL A 127 13.72 18.11 2.36
CA VAL A 127 14.27 16.75 2.38
C VAL A 127 14.19 16.19 3.79
N ASN A 128 13.61 14.99 3.93
CA ASN A 128 13.67 14.26 5.18
C ASN A 128 14.32 12.91 4.94
N VAL A 129 15.27 12.56 5.81
CA VAL A 129 15.79 11.21 5.93
C VAL A 129 15.29 10.66 7.27
N PHE A 130 14.26 9.82 7.20
CA PHE A 130 13.66 9.26 8.40
C PHE A 130 14.58 8.17 8.96
N TYR A 131 14.78 8.22 10.29
CA TYR A 131 15.56 7.24 11.03
C TYR A 131 14.84 6.95 12.34
N ASP A 132 15.36 5.99 13.10
CA ASP A 132 14.75 5.60 14.36
C ASP A 132 15.82 5.65 15.45
N SER A 133 15.77 6.68 16.29
CA SER A 133 16.81 6.97 17.28
C SER A 133 16.89 5.89 18.34
N ASN A 134 15.93 4.95 18.34
CA ASN A 134 15.84 3.90 19.35
C ASN A 134 16.43 2.59 18.84
N ALA A 135 16.73 2.51 17.54
CA ALA A 135 17.06 1.23 16.93
C ALA A 135 18.28 1.35 15.99
N PHE A 136 19.37 1.94 16.49
CA PHE A 136 20.58 2.04 15.67
C PHE A 136 21.36 0.73 15.67
N LEU A 137 21.00 -0.23 16.54
CA LEU A 137 21.81 -1.43 16.70
C LEU A 137 21.17 -2.65 16.05
N ILE A 138 20.07 -2.48 15.31
CA ILE A 138 19.40 -3.62 14.70
C ILE A 138 20.34 -4.35 13.73
N ASN A 139 21.05 -3.59 12.89
CA ASN A 139 21.97 -4.18 11.91
C ASN A 139 23.10 -4.93 12.61
N THR A 140 23.65 -4.36 13.69
CA THR A 140 24.69 -5.02 14.48
C THR A 140 24.17 -6.36 14.98
N LEU A 141 22.95 -6.37 15.54
CA LEU A 141 22.37 -7.56 16.12
C LEU A 141 22.17 -8.64 15.06
N LYS A 142 21.64 -8.25 13.89
CA LYS A 142 21.40 -9.21 12.83
C LYS A 142 22.73 -9.79 12.33
N LYS A 143 23.71 -8.93 12.08
CA LYS A 143 25.01 -9.37 11.60
C LYS A 143 25.63 -10.37 12.58
N THR A 144 25.66 -10.00 13.87
CA THR A 144 26.26 -10.81 14.91
C THR A 144 25.64 -12.20 14.94
N ILE A 145 24.31 -12.24 14.87
CA ILE A 145 23.57 -13.49 15.03
C ILE A 145 23.78 -14.38 13.80
N ILE A 146 23.79 -13.77 12.62
CA ILE A 146 24.02 -14.50 11.38
C ILE A 146 25.41 -15.14 11.39
N GLU A 147 26.43 -14.38 11.86
CA GLU A 147 27.80 -14.87 11.83
C GLU A 147 27.97 -15.99 12.87
N SER A 148 27.34 -15.82 14.04
CA SER A 148 27.41 -16.84 15.08
C SER A 148 26.76 -18.13 14.60
N ALA A 149 25.63 -18.02 13.89
CA ALA A 149 24.95 -19.20 13.38
C ALA A 149 25.74 -19.83 12.23
N SER A 150 26.46 -19.00 11.45
CA SER A 150 27.31 -19.52 10.40
C SER A 150 28.39 -20.41 10.99
N ASN A 151 29.06 -19.90 12.04
CA ASN A 151 30.15 -20.60 12.70
C ASN A 151 29.65 -21.89 13.31
N ASP A 152 28.48 -21.86 13.98
CA ASP A 152 27.92 -23.04 14.60
C ASP A 152 27.62 -24.10 13.54
N THR A 153 27.12 -23.65 12.38
CA THR A 153 26.75 -24.53 11.29
C THR A 153 27.99 -25.20 10.71
N LEU A 154 29.06 -24.40 10.49
CA LEU A 154 30.28 -24.92 9.90
C LEU A 154 30.94 -25.91 10.86
N GLU A 155 30.87 -25.61 12.17
CA GLU A 155 31.40 -26.49 13.20
C GLU A 155 30.66 -27.82 13.18
N SER A 156 29.32 -27.75 13.16
CA SER A 156 28.47 -28.92 13.29
C SER A 156 28.63 -29.87 12.10
N PHE A 157 28.95 -29.33 10.92
CA PHE A 157 29.03 -30.12 9.70
C PHE A 157 30.45 -30.18 9.18
N ARG A 158 31.41 -30.21 10.11
CA ARG A 158 32.82 -30.02 9.77
C ARG A 158 33.31 -31.11 8.82
N GLU A 159 32.90 -32.36 9.05
CA GLU A 159 33.43 -33.46 8.24
C GLU A 159 32.66 -33.60 6.93
N ASN A 160 31.56 -32.87 6.79
CA ASN A 160 30.73 -32.98 5.60
C ASN A 160 31.06 -31.84 4.64
N LEU A 161 31.93 -30.92 5.07
CA LEU A 161 32.20 -29.68 4.35
C LEU A 161 32.83 -29.96 2.99
N ASN A 162 33.67 -31.00 2.89
CA ASN A 162 34.38 -31.31 1.66
C ASN A 162 33.62 -32.41 0.90
N ASP A 163 32.47 -32.83 1.43
CA ASP A 163 31.61 -33.79 0.78
C ASP A 163 31.08 -33.18 -0.52
N PRO A 164 31.25 -33.86 -1.68
CA PRO A 164 30.71 -33.39 -2.95
C PRO A 164 29.27 -32.86 -2.89
N GLU A 165 28.44 -33.44 -2.00
CA GLU A 165 26.99 -33.23 -2.02
C GLU A 165 26.53 -32.18 -1.00
N PHE A 166 27.44 -31.69 -0.16
CA PHE A 166 27.06 -30.72 0.86
C PHE A 166 26.95 -29.32 0.28
N ASN A 167 25.73 -28.97 -0.15
CA ASN A 167 25.41 -27.80 -0.95
C ASN A 167 25.58 -26.50 -0.17
N HIS A 168 25.59 -25.39 -0.90
CA HIS A 168 25.26 -24.09 -0.34
C HIS A 168 23.84 -24.15 0.21
N THR A 169 22.97 -24.89 -0.49
CA THR A 169 21.58 -25.06 -0.07
C THR A 169 21.56 -25.72 1.30
N ALA A 170 22.34 -26.80 1.44
CA ALA A 170 22.37 -27.57 2.67
C ALA A 170 22.87 -26.70 3.82
N PHE A 171 23.85 -25.84 3.54
CA PHE A 171 24.43 -24.95 4.52
C PHE A 171 23.38 -23.98 5.05
N PHE A 172 22.72 -23.28 4.13
CA PHE A 172 21.70 -22.28 4.46
C PHE A 172 20.50 -22.93 5.13
N ARG A 173 20.16 -24.17 4.74
CA ARG A 173 19.02 -24.88 5.32
C ARG A 173 19.34 -25.17 6.78
N LYS A 174 20.56 -25.64 7.06
CA LYS A 174 20.96 -26.00 8.41
C LYS A 174 21.14 -24.74 9.26
N ARG A 175 21.70 -23.69 8.66
CA ARG A 175 21.95 -22.44 9.37
C ARG A 175 20.63 -21.78 9.75
N MET A 176 19.62 -21.93 8.89
CA MET A 176 18.31 -21.34 9.15
C MET A 176 17.75 -21.85 10.47
N GLN A 177 17.92 -23.15 10.74
CA GLN A 177 17.40 -23.75 11.96
C GLN A 177 17.99 -23.09 13.21
N ILE A 178 19.29 -22.80 13.16
CA ILE A 178 20.00 -22.20 14.28
C ILE A 178 19.65 -20.72 14.41
N ILE A 179 19.49 -20.01 13.28
CA ILE A 179 19.14 -18.60 13.28
C ILE A 179 17.79 -18.43 13.98
N TYR A 180 16.80 -19.24 13.56
CA TYR A 180 15.49 -19.23 14.19
C TYR A 180 15.61 -19.37 15.70
N ASP A 181 16.46 -20.31 16.15
CA ASP A 181 16.65 -20.53 17.58
C ASP A 181 17.13 -19.23 18.25
N LYS A 182 18.12 -18.59 17.64
CA LYS A 182 18.76 -17.41 18.23
C LYS A 182 17.81 -16.22 18.15
N GLN A 183 17.10 -16.09 17.03
CA GLN A 183 16.18 -14.99 16.81
C GLN A 183 15.07 -15.05 17.85
N GLN A 184 14.51 -16.25 18.04
CA GLN A 184 13.46 -16.48 19.03
C GLN A 184 13.99 -16.21 20.45
N ASN A 185 15.29 -16.49 20.67
CA ASN A 185 15.93 -16.25 21.95
C ASN A 185 15.93 -14.75 22.24
N PHE A 186 16.37 -13.94 21.27
CA PHE A 186 16.33 -12.49 21.40
C PHE A 186 14.90 -11.97 21.55
N ILE A 187 13.97 -12.47 20.72
CA ILE A 187 12.61 -11.96 20.69
C ILE A 187 11.97 -12.13 22.08
N ASN A 188 12.15 -13.31 22.68
CA ASN A 188 11.58 -13.60 23.99
C ASN A 188 12.26 -12.76 25.07
N TYR A 189 13.56 -12.51 24.91
CA TYR A 189 14.26 -11.62 25.82
C TYR A 189 13.68 -10.21 25.72
N TYR A 190 13.45 -9.76 24.48
CA TYR A 190 12.94 -8.41 24.25
C TYR A 190 11.58 -8.22 24.94
N LYS A 191 10.68 -9.20 24.75
CA LYS A 191 9.31 -9.10 25.26
C LYS A 191 9.29 -9.14 26.79
N ALA A 192 10.14 -9.98 27.39
CA ALA A 192 10.26 -10.07 28.83
C ALA A 192 10.79 -8.76 29.40
N GLN A 193 11.78 -8.16 28.73
CA GLN A 193 12.43 -6.95 29.20
C GLN A 193 11.43 -5.79 29.18
N LYS A 194 10.59 -5.77 28.15
CA LYS A 194 9.62 -4.70 27.94
C LYS A 194 8.49 -4.77 28.95
N GLU A 195 8.17 -5.99 29.41
CA GLU A 195 7.16 -6.21 30.43
C GLU A 195 7.69 -5.75 31.78
N GLU A 196 8.94 -6.10 32.09
CA GLU A 196 9.59 -5.76 33.35
C GLU A 196 9.79 -4.24 33.45
N ASN A 197 10.20 -3.62 32.35
CA ASN A 197 10.52 -2.19 32.36
C ASN A 197 10.13 -1.57 31.03
N PRO A 198 8.88 -1.08 30.88
CA PRO A 198 8.41 -0.52 29.61
C PRO A 198 9.10 0.77 29.16
N ASP A 199 9.95 1.34 30.01
CA ASP A 199 10.63 2.59 29.68
C ASP A 199 11.89 2.33 28.84
N LEU A 200 12.35 1.07 28.81
CA LEU A 200 13.56 0.72 28.06
C LEU A 200 13.31 0.94 26.57
N ILE A 201 14.33 1.45 25.87
CA ILE A 201 14.26 1.56 24.42
C ILE A 201 14.92 0.33 23.79
N ILE A 202 14.74 0.18 22.48
CA ILE A 202 15.21 -0.99 21.75
C ILE A 202 16.72 -1.13 21.96
N ASP A 203 17.47 -0.03 21.80
CA ASP A 203 18.92 -0.06 21.87
C ASP A 203 19.40 -0.43 23.28
N ASP A 204 18.62 -0.12 24.31
CA ASP A 204 18.97 -0.51 25.66
C ASP A 204 19.02 -2.04 25.75
N ILE A 205 17.99 -2.68 25.20
CA ILE A 205 17.82 -4.12 25.28
C ILE A 205 18.84 -4.82 24.39
N VAL A 206 19.08 -4.27 23.20
CA VAL A 206 19.98 -4.85 22.23
C VAL A 206 21.42 -4.83 22.76
N LYS A 207 21.88 -3.68 23.28
CA LYS A 207 23.25 -3.58 23.76
C LYS A 207 23.47 -4.49 24.98
N THR A 208 22.46 -4.65 25.83
CA THR A 208 22.57 -5.57 26.95
C THR A 208 22.69 -7.00 26.43
N TYR A 209 21.79 -7.36 25.50
CA TYR A 209 21.79 -8.69 24.91
C TYR A 209 23.15 -8.99 24.29
N LEU A 210 23.67 -8.04 23.51
CA LEU A 210 24.92 -8.24 22.78
C LEU A 210 26.08 -8.41 23.77
N SER A 211 26.04 -7.66 24.87
CA SER A 211 27.06 -7.75 25.89
C SER A 211 27.00 -9.11 26.58
N ASN A 212 25.78 -9.54 26.98
CA ASN A 212 25.57 -10.77 27.71
C ASN A 212 25.91 -12.00 26.88
N GLU A 213 25.52 -12.01 25.60
CA GLU A 213 25.51 -13.24 24.83
C GLU A 213 26.72 -13.32 23.89
N TYR A 214 27.29 -12.16 23.55
CA TYR A 214 28.32 -12.12 22.51
C TYR A 214 29.53 -11.31 22.96
N SER A 215 29.55 -10.92 24.23
CA SER A 215 30.62 -10.15 24.86
C SER A 215 30.99 -8.93 24.01
N LYS A 216 29.99 -8.27 23.44
CA LYS A 216 30.23 -7.01 22.75
C LYS A 216 30.44 -5.92 23.79
N ASP A 217 31.29 -4.95 23.44
CA ASP A 217 31.70 -3.89 24.35
C ASP A 217 30.68 -2.76 24.30
N ILE A 218 30.08 -2.45 25.46
CA ILE A 218 28.99 -1.48 25.51
C ILE A 218 29.50 -0.08 25.18
N ASP A 219 30.76 0.22 25.49
CA ASP A 219 31.29 1.56 25.25
C ASP A 219 31.39 1.81 23.75
N GLU A 220 31.76 0.77 22.98
CA GLU A 220 31.91 0.90 21.54
C GLU A 220 30.54 0.94 20.86
N LEU A 221 29.56 0.23 21.44
CA LEU A 221 28.19 0.30 20.95
C LEU A 221 27.62 1.70 21.19
N ASN A 222 27.86 2.24 22.40
CA ASN A 222 27.44 3.59 22.74
C ASN A 222 28.05 4.61 21.80
N ALA A 223 29.32 4.41 21.43
CA ALA A 223 30.01 5.36 20.58
C ALA A 223 29.43 5.31 19.16
N TYR A 224 29.03 4.10 18.72
CA TYR A 224 28.42 3.91 17.42
C TYR A 224 27.05 4.60 17.36
N ILE A 225 26.26 4.49 18.44
CA ILE A 225 24.96 5.15 18.49
C ILE A 225 25.15 6.66 18.33
N GLU A 226 26.18 7.19 19.01
CA GLU A 226 26.50 8.61 18.99
C GLU A 226 26.82 9.05 17.56
N GLU A 227 27.70 8.29 16.88
CA GLU A 227 28.10 8.59 15.51
C GLU A 227 26.90 8.58 14.58
N SER A 228 25.99 7.60 14.77
CA SER A 228 24.86 7.38 13.89
C SER A 228 23.85 8.52 14.02
N LEU A 229 23.50 8.83 15.26
CA LEU A 229 22.62 9.95 15.57
C LEU A 229 23.16 11.23 14.92
N ASN A 230 24.46 11.49 15.13
CA ASN A 230 25.12 12.70 14.66
C ASN A 230 25.16 12.75 13.13
N LYS A 231 25.40 11.60 12.50
CA LYS A 231 25.53 11.58 11.05
C LYS A 231 24.18 11.90 10.39
N VAL A 232 23.10 11.32 10.92
CA VAL A 232 21.80 11.45 10.28
C VAL A 232 21.22 12.84 10.56
N THR A 233 21.45 13.36 11.77
CA THR A 233 20.98 14.68 12.16
C THR A 233 21.56 15.74 11.23
N GLU A 234 22.85 15.61 10.90
CA GLU A 234 23.53 16.57 10.04
C GLU A 234 23.17 16.33 8.58
N ASN A 235 22.17 15.48 8.32
CA ASN A 235 21.79 15.13 6.96
C ASN A 235 20.27 15.01 6.84
N SER A 236 19.55 16.06 7.23
CA SER A 236 18.10 16.15 7.12
C SER A 236 17.40 15.04 7.92
N GLY A 237 18.03 14.60 9.01
CA GLY A 237 17.43 13.60 9.89
C GLY A 237 16.05 14.03 10.40
N ASN A 238 15.10 13.10 10.37
CA ASN A 238 13.78 13.28 10.94
C ASN A 238 13.42 12.00 11.71
N ASP A 239 13.30 12.12 13.03
CA ASP A 239 13.21 10.96 13.90
C ASP A 239 11.78 10.43 13.94
N VAL A 240 11.63 9.16 13.55
CA VAL A 240 10.38 8.41 13.60
C VAL A 240 9.78 8.48 14.99
N ARG A 241 10.62 8.64 16.02
CA ARG A 241 10.17 8.65 17.40
C ARG A 241 9.54 10.00 17.74
N ASN A 242 9.60 10.94 16.79
CA ASN A 242 8.93 12.23 16.91
C ASN A 242 7.69 12.29 16.01
N PHE A 243 7.43 11.22 15.25
CA PHE A 243 6.36 11.16 14.26
C PHE A 243 5.09 10.62 14.92
N GLU A 244 4.29 11.54 15.48
CA GLU A 244 3.23 11.21 16.42
C GLU A 244 2.11 10.43 15.74
N GLU A 245 1.71 10.87 14.53
CA GLU A 245 0.64 10.25 13.77
C GLU A 245 0.96 8.79 13.47
N PHE A 246 2.24 8.50 13.24
CA PHE A 246 2.70 7.16 12.96
C PHE A 246 2.72 6.33 14.24
N LYS A 247 3.27 6.90 15.32
CA LYS A 247 3.50 6.21 16.57
C LYS A 247 2.18 5.76 17.20
N THR A 248 1.12 6.56 17.00
CA THR A 248 -0.15 6.29 17.67
C THR A 248 -1.12 5.63 16.69
N GLY A 249 -0.70 5.46 15.43
CA GLY A 249 -1.51 4.85 14.40
C GLY A 249 -1.57 3.33 14.55
N GLU A 250 -2.26 2.66 13.62
CA GLU A 250 -2.61 1.27 13.82
C GLU A 250 -1.59 0.32 13.20
N VAL A 251 -0.53 0.87 12.56
CA VAL A 251 0.44 0.01 11.93
C VAL A 251 1.82 0.17 12.58
N PHE A 252 1.88 0.94 13.68
CA PHE A 252 3.15 1.11 14.38
C PHE A 252 3.64 -0.23 14.93
N ASN A 253 2.72 -1.08 15.38
CA ASN A 253 3.08 -2.38 15.92
C ASN A 253 3.68 -3.27 14.83
N LEU A 254 3.16 -3.16 13.61
CA LEU A 254 3.63 -3.98 12.51
C LEU A 254 5.02 -3.51 12.09
N TYR A 255 5.25 -2.19 12.19
CA TYR A 255 6.54 -1.63 11.91
C TYR A 255 7.57 -2.18 12.90
N GLU A 256 7.19 -2.27 14.17
CA GLU A 256 8.12 -2.70 15.21
C GLU A 256 8.38 -4.20 15.10
N GLN A 257 7.34 -4.93 14.65
CA GLN A 257 7.47 -6.35 14.34
C GLN A 257 8.61 -6.55 13.35
N GLU A 258 8.58 -5.80 12.23
CA GLU A 258 9.57 -5.92 11.18
C GLU A 258 10.96 -5.44 11.65
N LEU A 259 10.98 -4.38 12.46
CA LEU A 259 12.22 -3.75 12.94
C LEU A 259 12.91 -4.64 13.99
N VAL A 260 12.15 -5.05 15.02
CA VAL A 260 12.69 -5.63 16.25
C VAL A 260 12.67 -7.16 16.20
N GLU A 261 11.59 -7.74 15.66
CA GLU A 261 11.48 -9.20 15.65
C GLU A 261 12.18 -9.76 14.41
N ARG A 262 11.89 -9.18 13.24
CA ARG A 262 12.26 -9.78 11.96
C ARG A 262 13.64 -9.32 11.52
N TRP A 263 14.07 -8.15 12.02
CA TRP A 263 15.29 -7.48 11.57
C TRP A 263 15.23 -7.25 10.05
N ASN A 264 14.01 -7.00 9.56
CA ASN A 264 13.79 -6.70 8.16
C ASN A 264 13.59 -5.19 8.00
N LEU A 265 14.69 -4.47 7.75
CA LEU A 265 14.62 -3.01 7.64
C LEU A 265 13.92 -2.58 6.36
N ALA A 266 13.98 -3.41 5.31
CA ALA A 266 13.27 -3.12 4.08
C ALA A 266 11.77 -3.23 4.29
N GLY A 267 11.33 -4.24 5.07
CA GLY A 267 9.92 -4.41 5.37
C GLY A 267 9.38 -3.31 6.28
N ALA A 268 10.17 -2.94 7.29
CA ALA A 268 9.80 -1.85 8.18
C ALA A 268 9.67 -0.56 7.39
N SER A 269 10.58 -0.37 6.43
CA SER A 269 10.59 0.81 5.59
C SER A 269 9.42 0.82 4.60
N ASP A 270 8.93 -0.37 4.21
CA ASP A 270 7.73 -0.47 3.40
C ASP A 270 6.55 0.13 4.14
N ILE A 271 6.50 -0.08 5.46
CA ILE A 271 5.38 0.36 6.27
C ILE A 271 5.52 1.85 6.57
N LEU A 272 6.72 2.28 6.99
CA LEU A 272 7.03 3.67 7.27
C LEU A 272 6.67 4.54 6.06
N ARG A 273 7.09 4.12 4.85
CA ARG A 273 6.96 5.00 3.70
C ARG A 273 5.49 5.30 3.43
N VAL A 274 4.61 4.35 3.77
CA VAL A 274 3.19 4.54 3.52
C VAL A 274 2.65 5.59 4.50
N ALA A 275 2.99 5.46 5.79
CA ALA A 275 2.59 6.43 6.79
C ALA A 275 3.11 7.83 6.45
N ILE A 276 4.31 7.90 5.86
CA ILE A 276 4.93 9.18 5.52
C ILE A 276 4.12 9.89 4.44
N LEU A 277 3.67 9.15 3.42
CA LEU A 277 2.96 9.77 2.32
C LEU A 277 1.54 10.13 2.73
N LYS A 278 0.92 9.30 3.58
CA LYS A 278 -0.42 9.59 4.08
C LYS A 278 -0.41 10.86 4.93
N ASN A 279 0.54 10.93 5.87
CA ASN A 279 0.50 11.96 6.90
C ASN A 279 1.20 13.24 6.45
N ILE A 280 2.09 13.17 5.45
CA ILE A 280 2.85 14.35 5.07
C ILE A 280 2.71 14.61 3.57
N GLY A 281 2.92 13.57 2.77
CA GLY A 281 2.81 13.69 1.33
C GLY A 281 4.09 14.20 0.68
N GLY A 282 4.18 14.00 -0.64
CA GLY A 282 5.38 14.33 -1.39
C GLY A 282 5.89 13.12 -2.17
N VAL A 283 7.23 13.04 -2.27
CA VAL A 283 7.90 12.04 -3.08
C VAL A 283 8.74 11.15 -2.18
N TYR A 284 8.47 9.84 -2.21
CA TYR A 284 9.34 8.88 -1.54
C TYR A 284 10.33 8.28 -2.52
N LEU A 285 11.61 8.22 -2.12
CA LEU A 285 12.63 7.53 -2.89
C LEU A 285 13.44 6.60 -1.97
N ASP A 286 13.78 5.42 -2.51
CA ASP A 286 14.82 4.59 -1.94
C ASP A 286 16.17 5.31 -2.08
N VAL A 287 17.08 5.02 -1.15
CA VAL A 287 18.39 5.67 -1.11
C VAL A 287 19.28 5.22 -2.26
N ASP A 288 18.86 4.21 -3.03
CA ASP A 288 19.67 3.80 -4.17
C ASP A 288 19.18 4.45 -5.47
N MET A 289 18.23 5.38 -5.36
CA MET A 289 17.67 6.00 -6.55
C MET A 289 18.41 7.30 -6.85
N LEU A 290 18.59 7.59 -8.15
CA LEU A 290 19.23 8.83 -8.57
C LEU A 290 18.27 9.65 -9.42
N PRO A 291 18.47 10.99 -9.53
CA PRO A 291 17.60 11.83 -10.36
C PRO A 291 17.63 11.41 -11.83
N GLY A 292 16.52 11.67 -12.53
CA GLY A 292 16.47 11.48 -13.96
C GLY A 292 17.57 12.28 -14.66
N ILE A 293 18.21 11.64 -15.64
CA ILE A 293 19.16 12.33 -16.52
C ILE A 293 18.37 13.31 -17.39
N HIS A 294 18.86 14.54 -17.49
CA HIS A 294 18.23 15.56 -18.34
C HIS A 294 18.03 15.02 -19.74
N PRO A 295 16.78 15.04 -20.27
CA PRO A 295 16.47 14.44 -21.57
C PRO A 295 17.28 14.91 -22.79
N ASP A 296 17.76 16.15 -22.76
CA ASP A 296 18.53 16.62 -23.92
C ASP A 296 20.02 16.70 -23.60
N LEU A 297 20.48 15.89 -22.64
CA LEU A 297 21.90 15.80 -22.38
C LEU A 297 22.55 14.83 -23.37
N PHE A 298 21.89 13.69 -23.61
CA PHE A 298 22.45 12.62 -24.41
C PHE A 298 21.53 12.26 -25.57
N LYS A 299 20.60 13.18 -25.90
CA LYS A 299 19.67 12.98 -27.00
C LYS A 299 20.44 12.63 -28.29
N ASP A 300 21.62 13.22 -28.47
CA ASP A 300 22.36 13.18 -29.73
C ASP A 300 23.38 12.04 -29.78
N ILE A 301 23.45 11.22 -28.72
CA ILE A 301 24.25 10.01 -28.75
C ILE A 301 23.30 8.82 -28.84
N ASN A 302 23.35 8.08 -29.95
CA ASN A 302 22.47 6.95 -30.15
C ASN A 302 23.08 5.70 -29.51
N LYS A 303 22.21 4.80 -29.05
CA LYS A 303 22.59 3.59 -28.35
C LYS A 303 23.31 2.66 -29.32
N PRO A 304 24.59 2.30 -29.08
CA PRO A 304 25.24 1.20 -29.82
C PRO A 304 24.42 -0.08 -29.75
N ASP A 305 24.45 -0.86 -30.84
CA ASP A 305 23.69 -2.09 -30.95
C ASP A 305 24.24 -3.13 -29.99
N SER A 306 25.52 -2.95 -29.59
CA SER A 306 26.20 -3.83 -28.66
C SER A 306 25.62 -3.72 -27.24
N VAL A 307 24.59 -2.89 -27.09
CA VAL A 307 23.88 -2.67 -25.84
C VAL A 307 22.39 -2.81 -26.15
N LYS A 308 21.74 -3.84 -25.60
CA LYS A 308 20.44 -4.27 -26.12
C LYS A 308 19.34 -4.22 -25.07
N THR A 309 19.38 -3.19 -24.21
CA THR A 309 18.29 -2.93 -23.28
C THR A 309 18.35 -1.46 -22.89
N ALA A 310 17.18 -0.88 -22.60
CA ALA A 310 17.14 0.52 -22.17
C ALA A 310 17.85 0.68 -20.83
N VAL A 311 17.86 -0.39 -20.02
CA VAL A 311 18.40 -0.36 -18.67
C VAL A 311 19.93 -0.31 -18.70
N ASP A 312 20.55 -1.15 -19.53
CA ASP A 312 22.00 -1.18 -19.65
C ASP A 312 22.49 0.16 -20.22
N TRP A 313 21.68 0.77 -21.11
CA TRP A 313 22.02 2.04 -21.71
C TRP A 313 22.01 3.15 -20.65
N GLU A 314 20.91 3.22 -19.89
CA GLU A 314 20.78 4.17 -18.80
C GLU A 314 21.95 4.00 -17.83
N GLU A 315 22.27 2.74 -17.51
CA GLU A 315 23.39 2.39 -16.65
C GLU A 315 24.67 3.02 -17.20
N MET A 316 24.89 2.88 -18.51
CA MET A 316 26.05 3.43 -19.21
C MET A 316 26.11 4.94 -19.00
N GLN A 317 24.95 5.60 -19.11
CA GLN A 317 24.87 7.05 -19.13
C GLN A 317 25.22 7.61 -17.75
N LEU A 318 24.79 6.91 -16.69
CA LEU A 318 25.03 7.33 -15.32
C LEU A 318 26.52 7.22 -15.00
N GLU A 319 27.16 6.17 -15.56
CA GLU A 319 28.57 5.94 -15.28
C GLU A 319 29.42 6.98 -15.99
N ALA A 320 28.90 7.48 -17.13
CA ALA A 320 29.56 8.52 -17.89
C ALA A 320 29.60 9.81 -17.08
N ILE A 321 28.45 10.16 -16.49
CA ILE A 321 28.32 11.34 -15.65
C ILE A 321 29.28 11.22 -14.48
N MET A 322 29.40 10.01 -13.91
CA MET A 322 30.16 9.85 -12.68
C MET A 322 31.65 9.77 -12.99
N LYS A 323 31.99 9.21 -14.16
CA LYS A 323 33.37 9.12 -14.60
C LYS A 323 33.92 10.54 -14.81
N HIS A 324 33.16 11.38 -15.52
CA HIS A 324 33.67 12.65 -15.99
C HIS A 324 33.37 13.78 -15.01
N LYS A 325 32.36 13.63 -14.15
CA LYS A 325 31.97 14.71 -13.26
C LYS A 325 32.36 14.41 -11.81
N GLU A 326 32.42 13.12 -11.47
CA GLU A 326 32.92 12.66 -10.19
C GLU A 326 32.04 13.11 -9.03
N TYR A 327 30.75 13.38 -9.29
CA TYR A 327 29.83 13.84 -8.27
C TYR A 327 29.83 12.90 -7.06
N ILE A 328 29.90 11.59 -7.33
CA ILE A 328 29.87 10.55 -6.33
C ILE A 328 31.19 9.79 -6.40
N PRO A 329 32.05 9.87 -5.36
CA PRO A 329 33.34 9.18 -5.36
C PRO A 329 33.11 7.66 -5.35
N GLU A 330 33.96 6.94 -6.09
CA GLU A 330 34.00 5.48 -6.09
C GLU A 330 32.83 4.88 -6.87
N TYR A 331 32.13 5.69 -7.67
CA TYR A 331 31.08 5.15 -8.52
C TYR A 331 31.73 4.32 -9.62
N THR A 332 31.22 3.11 -9.83
CA THR A 332 31.76 2.18 -10.81
C THR A 332 31.75 2.80 -12.20
N SER A 333 32.70 2.37 -13.04
CA SER A 333 32.66 2.64 -14.46
C SER A 333 32.84 1.34 -15.24
N LYS A 334 32.49 0.21 -14.58
CA LYS A 334 32.71 -1.12 -15.14
C LYS A 334 32.03 -1.25 -16.50
N HIS A 335 30.79 -0.76 -16.63
CA HIS A 335 30.02 -0.98 -17.84
C HIS A 335 30.40 0.06 -18.90
N PHE A 336 30.76 1.26 -18.44
CA PHE A 336 31.04 2.37 -19.34
C PHE A 336 32.33 2.12 -20.12
N ASP A 337 33.25 1.38 -19.50
CA ASP A 337 34.58 1.19 -20.06
C ASP A 337 34.56 0.22 -21.24
N THR A 338 33.60 -0.73 -21.25
CA THR A 338 33.49 -1.71 -22.34
C THR A 338 33.14 -1.01 -23.65
N LEU A 339 32.70 0.25 -23.57
CA LEU A 339 32.23 1.01 -24.72
C LEU A 339 33.37 1.28 -25.68
N ASP A 340 33.03 1.35 -26.98
CA ASP A 340 33.96 1.77 -28.02
C ASP A 340 34.46 3.18 -27.69
N GLU A 341 35.76 3.38 -27.94
CA GLU A 341 36.45 4.62 -27.62
C GLU A 341 35.75 5.80 -28.28
N GLU A 342 35.20 5.56 -29.48
CA GLU A 342 34.54 6.61 -30.23
C GLU A 342 33.27 7.05 -29.49
N VAL A 343 32.60 6.08 -28.86
CA VAL A 343 31.38 6.38 -28.11
C VAL A 343 31.75 7.09 -26.81
N GLN A 344 32.77 6.59 -26.12
CA GLN A 344 33.21 7.15 -24.85
C GLN A 344 33.62 8.62 -25.02
N SER A 345 34.10 8.94 -26.24
CA SER A 345 34.58 10.27 -26.58
C SER A 345 33.42 11.22 -26.82
N SER A 346 32.33 10.71 -27.39
CA SER A 346 31.09 11.47 -27.51
C SER A 346 30.59 11.86 -26.12
N PHE A 347 30.73 10.92 -25.16
CA PHE A 347 30.25 11.11 -23.80
C PHE A 347 31.01 12.23 -23.10
N GLU A 348 32.34 12.16 -23.10
CA GLU A 348 33.15 13.11 -22.36
C GLU A 348 33.03 14.50 -22.97
N SER A 349 32.81 14.54 -24.29
CA SER A 349 32.72 15.79 -25.04
C SER A 349 31.46 16.56 -24.66
N VAL A 350 30.32 15.86 -24.52
CA VAL A 350 29.07 16.50 -24.15
C VAL A 350 29.09 16.91 -22.68
N LEU A 351 29.72 16.11 -21.82
CA LEU A 351 29.74 16.41 -20.40
C LEU A 351 30.67 17.58 -20.10
N ALA A 352 31.66 17.80 -20.98
CA ALA A 352 32.57 18.92 -20.85
C ALA A 352 31.84 20.23 -21.16
N SER A 353 30.75 20.15 -21.93
CA SER A 353 30.06 21.35 -22.39
C SER A 353 29.08 21.87 -21.33
N LYS A 354 28.45 20.95 -20.59
CA LYS A 354 27.49 21.30 -19.56
C LYS A 354 28.25 21.37 -18.23
N SER A 355 28.07 22.48 -17.51
CA SER A 355 28.91 22.78 -16.36
C SER A 355 28.07 23.07 -15.12
N ASP A 356 26.79 22.70 -15.18
CA ASP A 356 25.80 23.04 -14.18
C ASP A 356 24.94 21.81 -13.93
N LYS A 357 24.89 21.34 -12.68
CA LYS A 357 24.36 20.03 -12.37
C LYS A 357 22.91 19.90 -12.85
N SER A 358 22.20 21.04 -12.96
CA SER A 358 20.79 21.07 -13.30
C SER A 358 20.57 20.85 -14.79
N GLU A 359 21.66 20.91 -15.57
CA GLU A 359 21.60 20.57 -16.98
C GLU A 359 22.03 19.12 -17.20
N ILE A 360 22.53 18.46 -16.15
CA ILE A 360 22.86 17.04 -16.19
C ILE A 360 21.67 16.24 -15.66
N PHE A 361 21.19 16.63 -14.46
CA PHE A 361 20.04 16.00 -13.84
C PHE A 361 18.83 16.91 -13.94
N LEU A 362 17.66 16.33 -14.28
CA LEU A 362 16.43 17.09 -14.44
C LEU A 362 15.80 17.36 -13.08
N PRO A 363 15.69 18.66 -12.66
CA PRO A 363 14.92 19.03 -11.47
C PRO A 363 13.48 18.54 -11.58
N LEU A 364 12.92 18.07 -10.47
CA LEU A 364 11.55 17.58 -10.40
C LEU A 364 10.59 18.70 -10.78
N GLY A 365 10.83 19.90 -10.23
CA GLY A 365 9.95 21.04 -10.41
C GLY A 365 8.58 20.78 -9.79
N ASP A 366 7.54 21.26 -10.50
CA ASP A 366 6.16 21.13 -10.05
C ASP A 366 5.58 19.84 -10.61
N ILE A 367 5.22 18.92 -9.71
CA ILE A 367 4.59 17.67 -10.08
C ILE A 367 3.14 17.72 -9.58
N GLU A 368 2.23 17.09 -10.31
CA GLU A 368 0.85 17.00 -9.83
C GLU A 368 0.35 15.56 -9.85
N VAL A 369 -0.54 15.26 -8.89
CA VAL A 369 -1.07 13.93 -8.67
C VAL A 369 -2.57 14.06 -8.41
N SER A 370 -3.32 12.98 -8.64
CA SER A 370 -4.71 12.92 -8.22
C SER A 370 -4.78 12.69 -6.70
N PRO A 371 -5.75 13.32 -5.99
CA PRO A 371 -5.98 13.03 -4.57
C PRO A 371 -6.46 11.60 -4.30
N LEU A 372 -6.75 10.84 -5.37
CA LEU A 372 -7.20 9.47 -5.22
C LEU A 372 -6.03 8.50 -5.10
N GLU A 373 -4.84 8.90 -5.58
CA GLU A 373 -3.87 7.89 -5.97
C GLU A 373 -2.52 8.05 -5.27
N VAL A 374 -1.73 6.97 -5.38
CA VAL A 374 -0.29 6.96 -5.20
C VAL A 374 0.33 6.55 -6.53
N LYS A 375 1.36 7.27 -6.97
CA LYS A 375 2.05 6.89 -8.19
C LYS A 375 3.27 6.05 -7.83
N ILE A 376 3.51 5.01 -8.65
CA ILE A 376 4.53 4.00 -8.38
C ILE A 376 5.38 3.80 -9.63
N ALA A 377 6.67 3.51 -9.42
CA ALA A 377 7.61 3.27 -10.50
C ALA A 377 7.38 1.89 -11.10
N PHE A 378 7.79 1.75 -12.37
CA PHE A 378 7.80 0.46 -13.04
C PHE A 378 9.24 0.02 -13.24
N ALA A 379 9.42 -1.31 -13.28
CA ALA A 379 10.65 -1.97 -13.68
C ALA A 379 10.30 -3.38 -14.15
N LYS A 380 10.86 -3.80 -15.29
CA LYS A 380 10.63 -5.10 -15.90
C LYS A 380 9.15 -5.25 -16.28
N GLY A 381 8.50 -4.11 -16.57
CA GLY A 381 7.06 -4.09 -16.84
C GLY A 381 6.22 -4.36 -15.60
N SER A 382 6.86 -4.40 -14.42
CA SER A 382 6.19 -4.59 -13.14
C SER A 382 6.33 -3.35 -12.26
N ILE A 383 5.42 -3.21 -11.30
CA ILE A 383 5.44 -2.08 -10.39
C ILE A 383 6.43 -2.37 -9.27
N ILE A 384 7.08 -1.31 -8.76
CA ILE A 384 8.09 -1.43 -7.74
C ILE A 384 8.06 -0.15 -6.91
N ASN A 385 8.03 -0.31 -5.57
CA ASN A 385 7.73 0.80 -4.67
C ASN A 385 9.00 1.54 -4.25
N GLN A 386 10.04 1.51 -5.09
CA GLN A 386 11.26 2.24 -4.76
C GLN A 386 11.07 3.74 -4.97
N ALA A 387 10.01 4.12 -5.68
CA ALA A 387 9.69 5.52 -5.94
C ALA A 387 8.17 5.70 -5.94
N LEU A 388 7.70 6.73 -5.22
CA LEU A 388 6.29 6.92 -4.93
C LEU A 388 5.96 8.41 -4.88
N ILE A 389 4.74 8.74 -5.29
CA ILE A 389 4.24 10.11 -5.25
C ILE A 389 2.84 10.07 -4.66
N SER A 390 2.63 10.85 -3.61
CA SER A 390 1.30 11.00 -3.04
C SER A 390 1.15 12.37 -2.39
N ALA A 391 -0.05 12.94 -2.56
CA ALA A 391 -0.53 14.04 -1.74
C ALA A 391 -0.88 13.49 -0.35
N LYS A 392 -0.81 14.37 0.66
CA LYS A 392 -1.22 14.04 2.01
C LYS A 392 -2.66 13.52 1.99
N ASP A 393 -2.92 12.44 2.74
CA ASP A 393 -4.25 11.90 2.94
C ASP A 393 -4.87 11.49 1.60
N SER A 394 -4.06 10.99 0.68
CA SER A 394 -4.60 10.46 -0.57
C SER A 394 -5.47 9.23 -0.26
N TYR A 395 -6.43 8.94 -1.14
CA TYR A 395 -7.36 7.85 -0.89
C TYR A 395 -6.63 6.52 -0.93
N CYS A 396 -5.79 6.34 -1.96
CA CYS A 396 -5.02 5.11 -2.13
C CYS A 396 -4.10 4.92 -0.93
N SER A 397 -3.66 6.04 -0.36
CA SER A 397 -2.86 6.05 0.86
C SER A 397 -3.55 5.27 1.97
N ASP A 398 -4.87 5.49 2.13
CA ASP A 398 -5.61 4.83 3.19
C ASP A 398 -5.88 3.38 2.82
N LEU A 399 -6.02 3.09 1.52
CA LEU A 399 -6.16 1.72 1.05
C LEU A 399 -4.90 0.92 1.36
N LEU A 400 -3.73 1.57 1.23
CA LEU A 400 -2.43 0.96 1.50
C LEU A 400 -2.33 0.48 2.94
N ILE A 401 -2.72 1.35 3.89
CA ILE A 401 -2.68 0.99 5.31
C ILE A 401 -3.62 -0.19 5.58
N LYS A 402 -4.76 -0.23 4.88
CA LYS A 402 -5.73 -1.29 5.10
C LYS A 402 -5.22 -2.61 4.50
N GLN A 403 -4.45 -2.51 3.41
CA GLN A 403 -3.81 -3.68 2.83
C GLN A 403 -2.81 -4.25 3.82
N ILE A 404 -2.02 -3.37 4.44
CA ILE A 404 -1.00 -3.78 5.39
C ILE A 404 -1.66 -4.46 6.59
N GLN A 405 -2.70 -3.82 7.15
CA GLN A 405 -3.35 -4.33 8.35
C GLN A 405 -3.95 -5.71 8.09
N ASN A 406 -4.61 -5.85 6.94
CA ASN A 406 -5.30 -7.07 6.60
C ASN A 406 -4.30 -8.21 6.39
N ARG A 407 -3.19 -7.89 5.70
CA ARG A 407 -2.21 -8.91 5.36
C ARG A 407 -1.51 -9.42 6.61
N TYR A 408 -1.10 -8.50 7.49
CA TYR A 408 -0.45 -8.87 8.73
C TYR A 408 -1.41 -9.56 9.70
N LYS A 409 -2.71 -9.23 9.60
CA LYS A 409 -3.69 -9.87 10.48
C LYS A 409 -3.78 -11.36 10.14
N ILE A 410 -3.88 -11.66 8.83
CA ILE A 410 -3.94 -13.04 8.38
C ILE A 410 -2.66 -13.76 8.80
N LEU A 411 -1.51 -13.15 8.51
CA LEU A 411 -0.22 -13.77 8.80
C LEU A 411 -0.09 -14.06 10.30
N ASN A 412 -0.21 -13.01 11.14
CA ASN A 412 0.07 -13.09 12.56
C ASN A 412 -0.89 -14.04 13.27
N ASP A 413 -2.15 -14.09 12.80
CA ASP A 413 -3.16 -14.92 13.43
C ASP A 413 -2.94 -16.39 13.07
N THR A 414 -2.28 -16.63 11.94
CA THR A 414 -1.93 -17.98 11.55
C THR A 414 -0.61 -18.39 12.21
N LEU A 415 0.42 -17.53 12.11
CA LEU A 415 1.78 -17.90 12.48
C LEU A 415 1.99 -17.81 13.99
N GLY A 416 1.44 -16.76 14.62
CA GLY A 416 1.63 -16.45 16.03
C GLY A 416 1.38 -17.64 16.96
N PRO A 417 0.17 -18.25 16.94
CA PRO A 417 -0.12 -19.39 17.83
C PRO A 417 0.76 -20.62 17.59
N ILE A 418 1.25 -20.76 16.35
CA ILE A 418 2.16 -21.86 16.03
C ILE A 418 3.52 -21.61 16.66
N ILE A 419 4.03 -20.38 16.54
CA ILE A 419 5.33 -20.02 17.11
C ILE A 419 5.31 -20.24 18.62
N SER A 420 4.19 -19.91 19.28
CA SER A 420 4.14 -19.90 20.73
C SER A 420 4.14 -21.30 21.33
N GLN A 421 3.93 -22.33 20.49
CA GLN A 421 4.03 -23.72 20.92
C GLN A 421 5.47 -24.08 21.27
N GLY A 422 6.43 -23.24 20.85
CA GLY A 422 7.82 -23.34 21.26
C GLY A 422 8.60 -24.47 20.59
N ASN A 423 8.11 -24.94 19.44
CA ASN A 423 8.77 -26.01 18.69
C ASN A 423 9.95 -25.46 17.90
N ASP A 424 10.74 -26.37 17.31
CA ASP A 424 11.90 -26.04 16.51
C ASP A 424 11.45 -25.49 15.15
N PHE A 425 12.40 -25.05 14.34
CA PHE A 425 12.11 -24.40 13.07
C PHE A 425 11.35 -25.33 12.13
N ASN A 426 11.79 -26.59 12.01
CA ASN A 426 11.19 -27.53 11.07
C ASN A 426 9.75 -27.86 11.47
N THR A 427 9.53 -28.12 12.76
CA THR A 427 8.21 -28.42 13.29
C THR A 427 7.31 -27.20 13.11
N THR A 428 7.80 -26.03 13.52
CA THR A 428 7.07 -24.78 13.40
C THR A 428 6.64 -24.59 11.94
N MET A 429 7.58 -24.89 11.03
CA MET A 429 7.40 -24.67 9.61
C MET A 429 6.38 -25.64 9.03
N ASN A 430 6.41 -26.90 9.47
CA ASN A 430 5.51 -27.91 8.96
C ASN A 430 4.08 -27.57 9.39
N ASN A 431 3.93 -27.13 10.64
CA ASN A 431 2.63 -26.79 11.20
C ASN A 431 2.08 -25.52 10.53
N PHE A 432 2.96 -24.55 10.28
CA PHE A 432 2.59 -23.34 9.56
C PHE A 432 2.01 -23.72 8.19
N GLY A 433 2.70 -24.63 7.49
CA GLY A 433 2.30 -25.13 6.19
C GLY A 433 0.91 -25.76 6.21
N GLU A 434 0.61 -26.52 7.28
CA GLU A 434 -0.67 -27.18 7.42
C GLU A 434 -1.77 -26.15 7.67
N SER A 435 -1.47 -25.16 8.51
CA SER A 435 -2.43 -24.11 8.81
C SER A 435 -2.77 -23.29 7.56
N LEU A 436 -1.75 -23.00 6.74
CA LEU A 436 -1.95 -22.25 5.51
C LEU A 436 -2.88 -23.04 4.58
N GLY A 437 -2.74 -24.37 4.59
CA GLY A 437 -3.57 -25.24 3.78
C GLY A 437 -5.04 -25.23 4.19
N ALA A 438 -5.30 -25.16 5.50
CA ALA A 438 -6.65 -25.21 6.05
C ALA A 438 -7.41 -23.92 5.75
N ILE A 439 -6.74 -22.76 5.85
CA ILE A 439 -7.41 -21.48 5.73
C ILE A 439 -7.40 -21.00 4.28
N ALA A 440 -6.86 -21.83 3.38
CA ALA A 440 -6.79 -21.49 1.98
C ALA A 440 -8.17 -21.62 1.34
N ASN A 441 -8.54 -20.58 0.57
CA ASN A 441 -9.77 -20.59 -0.21
C ASN A 441 -9.48 -19.90 -1.54
N GLU A 442 -10.50 -19.77 -2.39
CA GLU A 442 -10.33 -19.29 -3.75
C GLU A 442 -9.90 -17.83 -3.77
N GLU A 443 -10.13 -17.11 -2.66
CA GLU A 443 -9.91 -15.67 -2.63
C GLU A 443 -8.48 -15.35 -2.22
N ASN A 444 -7.99 -16.01 -1.17
CA ASN A 444 -6.77 -15.63 -0.48
C ASN A 444 -5.56 -16.41 -0.98
N ILE A 445 -5.81 -17.36 -1.89
CA ILE A 445 -4.82 -18.37 -2.24
C ILE A 445 -3.54 -17.73 -2.78
N SER A 446 -3.68 -16.70 -3.62
CA SER A 446 -2.53 -15.97 -4.16
C SER A 446 -1.64 -15.45 -3.04
N PHE A 447 -2.27 -15.07 -1.91
CA PHE A 447 -1.55 -14.57 -0.74
C PHE A 447 -0.96 -15.75 0.06
N ILE A 448 -1.81 -16.76 0.32
CA ILE A 448 -1.44 -17.88 1.17
C ILE A 448 -0.27 -18.68 0.58
N ALA A 449 -0.20 -18.76 -0.75
CA ALA A 449 0.83 -19.53 -1.44
C ALA A 449 2.18 -18.82 -1.37
N LYS A 450 2.26 -17.64 -0.75
CA LYS A 450 3.46 -16.83 -0.90
C LYS A 450 4.00 -16.33 0.44
N ILE A 451 3.38 -16.74 1.56
CA ILE A 451 3.83 -16.25 2.85
C ILE A 451 4.54 -17.35 3.65
N GLY A 452 4.58 -18.58 3.09
CA GLY A 452 5.13 -19.72 3.79
C GLY A 452 6.57 -19.49 4.26
N SER A 453 7.31 -18.62 3.56
CA SER A 453 8.73 -18.46 3.85
C SER A 453 9.01 -17.20 4.65
N TYR A 454 8.00 -16.69 5.36
CA TYR A 454 8.12 -15.48 6.17
C TYR A 454 9.33 -15.53 7.10
N LEU A 455 9.54 -16.67 7.78
CA LEU A 455 10.56 -16.78 8.81
C LEU A 455 11.97 -16.82 8.24
N ARG A 456 12.10 -16.97 6.91
CA ARG A 456 13.40 -17.13 6.27
C ARG A 456 13.96 -15.79 5.80
N VAL A 457 13.13 -14.73 5.84
CA VAL A 457 13.46 -13.47 5.19
C VAL A 457 14.78 -12.91 5.74
N GLY A 458 15.73 -12.69 4.83
CA GLY A 458 17.00 -12.07 5.17
C GLY A 458 18.07 -13.08 5.58
N PHE A 459 17.73 -14.38 5.59
CA PHE A 459 18.67 -15.40 6.08
C PHE A 459 18.86 -16.53 5.07
N TYR A 460 17.98 -16.60 4.07
CA TYR A 460 17.94 -17.71 3.14
C TYR A 460 17.87 -17.15 1.72
N PRO A 461 18.49 -17.81 0.72
CA PRO A 461 18.45 -17.31 -0.66
C PRO A 461 17.03 -17.17 -1.22
N GLU A 462 16.73 -15.98 -1.73
CA GLU A 462 15.47 -15.63 -2.38
C GLU A 462 14.27 -15.78 -1.43
N ALA A 463 14.48 -15.50 -0.14
CA ALA A 463 13.36 -15.37 0.78
C ALA A 463 12.67 -14.03 0.51
N ASN A 464 11.49 -14.09 -0.12
CA ASN A 464 10.93 -12.99 -0.90
C ASN A 464 9.67 -12.40 -0.26
N THR A 465 9.21 -12.97 0.85
CA THR A 465 7.87 -12.76 1.35
C THR A 465 7.49 -11.28 1.42
N THR A 466 8.48 -10.43 1.70
CA THR A 466 8.25 -9.00 1.93
C THR A 466 7.46 -8.36 0.80
N ILE A 467 7.64 -8.85 -0.44
CA ILE A 467 6.98 -8.32 -1.63
C ILE A 467 5.46 -8.43 -1.44
N THR A 468 5.01 -9.52 -0.83
CA THR A 468 3.59 -9.83 -0.70
C THR A 468 2.99 -9.13 0.52
N LEU A 469 3.83 -8.84 1.51
CA LEU A 469 3.36 -8.35 2.80
C LEU A 469 3.16 -6.84 2.77
N SER A 470 4.12 -6.12 2.17
CA SER A 470 4.17 -4.67 2.29
C SER A 470 4.79 -4.01 1.07
N GLY A 471 5.14 -4.83 0.07
CA GLY A 471 5.83 -4.36 -1.13
C GLY A 471 4.86 -4.16 -2.30
N PRO A 472 5.37 -4.26 -3.55
CA PRO A 472 4.55 -4.07 -4.75
C PRO A 472 3.16 -4.69 -4.75
N THR A 473 2.98 -5.79 -4.00
CA THR A 473 1.71 -6.50 -4.04
C THR A 473 0.60 -5.66 -3.40
N ILE A 474 0.94 -4.92 -2.34
CA ILE A 474 -0.09 -4.13 -1.64
C ILE A 474 -0.55 -2.97 -2.52
N TYR A 475 0.33 -2.48 -3.41
CA TYR A 475 -0.02 -1.42 -4.33
C TYR A 475 -0.97 -1.92 -5.40
N ALA A 476 -0.71 -3.12 -5.94
CA ALA A 476 -1.62 -3.74 -6.89
C ALA A 476 -2.98 -3.97 -6.22
N GLY A 477 -2.95 -4.38 -4.94
CA GLY A 477 -4.14 -4.57 -4.14
C GLY A 477 -4.93 -3.27 -3.95
N ALA A 478 -4.23 -2.18 -3.63
CA ALA A 478 -4.87 -0.88 -3.43
C ALA A 478 -5.52 -0.38 -4.72
N TYR A 479 -4.83 -0.51 -5.86
CA TYR A 479 -5.38 -0.01 -7.12
C TYR A 479 -6.60 -0.85 -7.51
N LYS A 480 -6.56 -2.15 -7.19
CA LYS A 480 -7.70 -3.00 -7.46
C LYS A 480 -8.87 -2.57 -6.55
N ASP A 481 -8.56 -2.33 -5.27
CA ASP A 481 -9.50 -1.74 -4.33
C ASP A 481 -10.19 -0.52 -4.96
N LEU A 482 -9.36 0.44 -5.41
CA LEU A 482 -9.87 1.68 -5.98
C LEU A 482 -10.82 1.37 -7.13
N LEU A 483 -10.37 0.55 -8.08
CA LEU A 483 -11.07 0.33 -9.34
C LEU A 483 -12.28 -0.61 -9.19
N THR A 484 -12.46 -1.24 -8.03
CA THR A 484 -13.57 -2.17 -7.84
C THR A 484 -14.51 -1.69 -6.72
N PHE A 485 -14.21 -0.53 -6.12
CA PHE A 485 -15.03 0.07 -5.07
C PHE A 485 -14.99 -0.79 -3.81
N LYS A 486 -13.86 -1.46 -3.57
CA LYS A 486 -13.73 -2.36 -2.44
C LYS A 486 -12.54 -1.94 -1.58
N GLU A 487 -12.30 -2.71 -0.52
CA GLU A 487 -11.16 -2.50 0.35
C GLU A 487 -10.56 -3.86 0.71
N MET A 488 -9.24 -3.87 0.94
CA MET A 488 -8.52 -5.03 1.45
C MET A 488 -8.62 -6.22 0.47
N SER A 489 -8.62 -5.92 -0.84
CA SER A 489 -8.58 -6.96 -1.84
C SER A 489 -7.30 -7.77 -1.68
N ILE A 490 -7.44 -9.09 -1.54
CA ILE A 490 -6.30 -9.96 -1.34
C ILE A 490 -5.95 -10.65 -2.65
N ASP A 491 -6.94 -10.78 -3.55
CA ASP A 491 -6.67 -11.15 -4.93
C ASP A 491 -6.42 -9.86 -5.72
N THR A 492 -5.21 -9.74 -6.29
CA THR A 492 -4.73 -8.47 -6.82
C THR A 492 -4.58 -8.52 -8.34
N SER A 493 -5.36 -9.39 -8.99
CA SER A 493 -5.44 -9.44 -10.45
C SER A 493 -5.93 -8.10 -10.99
N ILE A 494 -5.15 -7.53 -11.91
CA ILE A 494 -5.55 -6.31 -12.58
C ILE A 494 -4.75 -6.21 -13.88
N LEU A 495 -5.37 -5.64 -14.93
CA LEU A 495 -4.73 -5.41 -16.21
C LEU A 495 -3.47 -4.56 -16.03
N SER A 496 -2.46 -4.81 -16.88
CA SER A 496 -1.27 -3.99 -16.89
C SER A 496 -1.56 -2.63 -17.52
N SER A 497 -2.63 -2.55 -18.33
CA SER A 497 -3.14 -1.29 -18.86
C SER A 497 -3.51 -0.35 -17.73
N GLU A 498 -4.36 -0.86 -16.81
CA GLU A 498 -4.87 -0.10 -15.68
C GLU A 498 -3.74 0.37 -14.78
N LEU A 499 -2.75 -0.51 -14.57
CA LEU A 499 -1.61 -0.22 -13.71
C LEU A 499 -0.80 0.95 -14.28
N ARG A 500 -0.76 1.05 -15.61
CA ARG A 500 0.00 2.10 -16.29
C ARG A 500 -0.58 3.49 -15.97
N ASN A 501 -1.83 3.53 -15.48
CA ASN A 501 -2.46 4.80 -15.12
C ASN A 501 -1.82 5.37 -13.86
N PHE A 502 -1.04 4.54 -13.15
CA PHE A 502 -0.53 4.92 -11.85
C PHE A 502 0.98 5.11 -11.89
N GLU A 503 1.53 5.23 -13.10
CA GLU A 503 2.97 5.14 -13.29
C GLU A 503 3.64 6.44 -12.87
N PHE A 504 4.64 6.31 -12.00
CA PHE A 504 5.59 7.37 -11.67
C PHE A 504 6.25 7.86 -12.96
N PRO A 505 6.36 9.19 -13.18
CA PRO A 505 6.93 9.70 -14.44
C PRO A 505 8.41 9.31 -14.60
N LYS A 506 8.68 8.56 -15.67
CA LYS A 506 9.98 7.92 -15.88
C LYS A 506 11.09 8.95 -16.05
N VAL A 507 10.76 10.09 -16.69
CA VAL A 507 11.75 11.12 -16.96
C VAL A 507 12.37 11.65 -15.65
N ASN A 508 11.71 11.38 -14.51
CA ASN A 508 12.07 11.98 -13.25
C ASN A 508 12.94 11.09 -12.37
N ILE A 509 13.31 9.89 -12.85
CA ILE A 509 14.21 9.03 -12.08
C ILE A 509 15.20 8.30 -12.98
N SER A 510 16.36 8.00 -12.39
CA SER A 510 17.25 6.96 -12.88
C SER A 510 17.23 5.82 -11.87
N GLN A 511 16.77 4.65 -12.31
CA GLN A 511 16.62 3.48 -11.46
C GLN A 511 17.82 2.55 -11.60
N ALA A 512 18.60 2.74 -12.67
CA ALA A 512 19.68 1.81 -13.02
C ALA A 512 21.00 2.26 -12.40
N THR A 513 21.02 2.39 -11.07
CA THR A 513 22.19 2.86 -10.36
C THR A 513 23.07 1.67 -9.99
N GLU A 514 24.30 1.96 -9.54
CA GLU A 514 25.17 0.94 -9.01
C GLU A 514 24.52 0.29 -7.78
N GLN A 515 23.91 1.12 -6.92
CA GLN A 515 23.45 0.66 -5.63
C GLN A 515 22.16 -0.17 -5.73
N GLU A 516 21.40 0.01 -6.81
CA GLU A 516 20.16 -0.73 -6.97
C GLU A 516 20.49 -2.20 -7.18
N LYS A 517 21.71 -2.48 -7.63
CA LYS A 517 22.14 -3.85 -7.91
C LYS A 517 22.58 -4.55 -6.62
N ASN A 518 22.62 -3.80 -5.51
CA ASN A 518 23.09 -4.32 -4.22
C ASN A 518 21.92 -4.33 -3.22
N SER A 519 21.10 -5.40 -3.28
CA SER A 519 19.97 -5.59 -2.39
C SER A 519 20.45 -5.85 -0.96
N LEU A 520 19.82 -5.16 0.00
CA LEU A 520 20.30 -5.16 1.38
C LEU A 520 19.44 -6.03 2.29
N TRP A 521 18.41 -6.67 1.72
CA TRP A 521 17.46 -7.39 2.55
C TRP A 521 17.27 -8.81 2.06
N GLN A 522 17.75 -9.09 0.85
CA GLN A 522 17.65 -10.42 0.27
C GLN A 522 18.89 -10.72 -0.59
N PHE A 523 19.07 -12.00 -0.90
CA PHE A 523 20.15 -12.42 -1.77
C PHE A 523 19.66 -13.61 -2.62
N ASN A 524 20.24 -13.72 -3.82
CA ASN A 524 19.85 -14.74 -4.78
C ASN A 524 20.78 -15.94 -4.68
N GLU A 525 20.51 -16.98 -5.48
CA GLU A 525 21.27 -18.22 -5.45
C GLU A 525 22.74 -17.97 -5.80
N GLU A 526 22.97 -17.17 -6.84
CA GLU A 526 24.33 -16.87 -7.26
C GLU A 526 25.14 -16.34 -6.07
N ARG A 527 24.62 -15.30 -5.41
CA ARG A 527 25.27 -14.69 -4.26
C ARG A 527 25.38 -15.71 -3.13
N ALA A 528 24.37 -16.58 -3.00
CA ALA A 528 24.33 -17.61 -1.98
C ALA A 528 25.51 -18.57 -2.14
N LYS A 529 25.83 -18.93 -3.39
CA LYS A 529 26.94 -19.82 -3.71
C LYS A 529 28.28 -19.17 -3.37
N ILE A 530 28.39 -17.87 -3.64
CA ILE A 530 29.63 -17.15 -3.39
C ILE A 530 29.88 -17.01 -1.89
N GLN A 531 28.82 -16.68 -1.13
CA GLN A 531 28.93 -16.51 0.31
C GLN A 531 29.35 -17.84 0.95
N PHE A 532 28.78 -18.95 0.47
CA PHE A 532 29.04 -20.25 1.05
C PHE A 532 30.52 -20.62 0.90
N GLU A 533 31.07 -20.44 -0.31
CA GLU A 533 32.45 -20.77 -0.58
C GLU A 533 33.35 -19.92 0.32
N GLU A 534 32.95 -18.67 0.51
CA GLU A 534 33.72 -17.76 1.33
C GLU A 534 33.63 -18.15 2.80
N TYR A 535 32.45 -18.61 3.24
CA TYR A 535 32.28 -19.06 4.62
C TYR A 535 33.17 -20.26 4.89
N LYS A 536 33.18 -21.22 3.95
CA LYS A 536 34.01 -22.41 4.03
C LYS A 536 35.48 -22.02 4.15
N LYS A 537 35.97 -21.28 3.15
CA LYS A 537 37.37 -20.89 3.09
C LYS A 537 37.78 -20.29 4.44
N ASN A 538 36.99 -19.33 4.92
CA ASN A 538 37.32 -18.58 6.13
C ASN A 538 37.31 -19.51 7.33
N TYR A 539 36.42 -20.50 7.33
CA TYR A 539 36.32 -21.42 8.44
C TYR A 539 37.56 -22.31 8.51
N PHE A 540 38.09 -22.68 7.33
CA PHE A 540 39.27 -23.53 7.24
C PHE A 540 40.53 -22.67 7.38
N GLU A 541 40.34 -21.36 7.26
CA GLU A 541 41.34 -20.30 7.39
C GLU A 541 42.22 -20.24 6.14
N GLY A 542 41.61 -20.29 4.95
CA GLY A 542 42.31 -20.18 3.68
C GLY A 542 43.16 -18.93 3.60
N GLN B 6 -49.47 -8.41 5.43
CA GLN B 6 -48.69 -8.64 6.70
C GLN B 6 -47.62 -7.55 6.84
N LEU B 7 -47.97 -6.31 6.48
CA LEU B 7 -47.06 -5.18 6.60
C LEU B 7 -47.77 -4.02 7.29
N VAL B 8 -47.15 -3.51 8.36
CA VAL B 8 -47.73 -2.48 9.19
C VAL B 8 -46.86 -1.22 9.08
N GLU B 9 -47.47 -0.13 8.59
CA GLU B 9 -46.78 1.13 8.35
C GLU B 9 -47.24 2.17 9.37
N SER B 10 -46.29 2.88 9.97
CA SER B 10 -46.61 3.93 10.94
C SER B 10 -45.41 4.88 11.10
N GLY B 11 -45.66 5.99 11.80
CA GLY B 11 -44.61 6.91 12.22
C GLY B 11 -44.75 8.31 11.59
N GLY B 12 -45.69 8.45 10.64
CA GLY B 12 -45.87 9.68 9.89
C GLY B 12 -46.74 10.70 10.63
N GLY B 13 -47.11 11.77 9.93
CA GLY B 13 -47.92 12.84 10.51
C GLY B 13 -47.42 14.22 10.10
N LEU B 14 -47.81 15.23 10.88
CA LEU B 14 -47.46 16.61 10.59
C LEU B 14 -46.56 17.17 11.68
N VAL B 15 -45.41 17.73 11.26
CA VAL B 15 -44.49 18.41 12.15
C VAL B 15 -44.24 19.81 11.60
N GLN B 16 -43.71 20.69 12.46
CA GLN B 16 -43.28 22.00 12.04
C GLN B 16 -41.86 21.88 11.48
N THR B 17 -41.42 22.90 10.75
CA THR B 17 -40.03 22.95 10.28
C THR B 17 -39.10 22.81 11.49
N GLY B 18 -38.17 21.86 11.40
CA GLY B 18 -37.20 21.62 12.45
C GLY B 18 -37.45 20.32 13.23
N GLY B 19 -38.71 19.84 13.18
CA GLY B 19 -39.11 18.67 13.96
C GLY B 19 -38.51 17.37 13.43
N SER B 20 -38.80 16.26 14.14
CA SER B 20 -38.34 14.93 13.78
C SER B 20 -39.54 14.01 13.58
N LEU B 21 -39.32 12.92 12.83
CA LEU B 21 -40.25 11.80 12.75
C LEU B 21 -39.43 10.52 12.57
N ARG B 22 -39.99 9.40 13.05
CA ARG B 22 -39.40 8.09 12.82
C ARG B 22 -40.42 7.26 12.07
N LEU B 23 -40.18 7.02 10.77
CA LEU B 23 -41.04 6.16 9.98
C LEU B 23 -40.71 4.72 10.31
N SER B 24 -41.74 3.87 10.25
CA SER B 24 -41.60 2.45 10.54
C SER B 24 -42.44 1.62 9.57
N CYS B 25 -41.79 0.61 8.98
CA CYS B 25 -42.46 -0.46 8.24
C CYS B 25 -42.07 -1.78 8.88
N ALA B 26 -43.06 -2.55 9.35
CA ALA B 26 -42.80 -3.82 9.99
C ALA B 26 -43.56 -4.92 9.25
N SER B 27 -42.83 -5.98 8.87
CA SER B 27 -43.42 -7.11 8.18
C SER B 27 -43.35 -8.36 9.04
N SER B 28 -44.22 -9.33 8.73
CA SER B 28 -44.23 -10.61 9.41
C SER B 28 -44.73 -11.66 8.42
N GLY B 29 -44.09 -12.83 8.43
CA GLY B 29 -44.50 -13.91 7.55
C GLY B 29 -43.53 -14.12 6.39
N SER B 30 -42.31 -13.60 6.55
CA SER B 30 -41.24 -13.81 5.59
C SER B 30 -39.88 -13.78 6.28
N ILE B 31 -38.98 -14.65 5.79
CA ILE B 31 -37.58 -14.64 6.18
C ILE B 31 -36.95 -13.38 5.60
N ALA B 32 -36.73 -12.38 6.46
CA ALA B 32 -36.08 -11.14 6.07
C ALA B 32 -36.75 -10.55 4.82
N GLY B 33 -37.99 -10.10 5.00
CA GLY B 33 -38.72 -9.43 3.94
C GLY B 33 -38.11 -8.10 3.56
N PHE B 34 -37.11 -7.65 4.35
CA PHE B 34 -36.48 -6.37 4.14
C PHE B 34 -34.96 -6.48 4.20
N GLU B 35 -34.42 -7.54 3.60
CA GLU B 35 -32.97 -7.73 3.67
C GLU B 35 -32.28 -6.76 2.72
N THR B 36 -33.04 -6.25 1.75
CA THR B 36 -32.71 -5.10 0.92
C THR B 36 -33.86 -4.11 1.10
N VAL B 37 -33.57 -2.84 1.42
CA VAL B 37 -34.66 -1.89 1.59
C VAL B 37 -34.36 -0.58 0.85
N THR B 38 -35.37 -0.09 0.13
CA THR B 38 -35.31 1.22 -0.51
C THR B 38 -36.42 2.11 0.07
N TRP B 39 -36.07 3.34 0.44
CA TRP B 39 -37.02 4.36 0.82
C TRP B 39 -37.20 5.37 -0.31
N SER B 40 -38.45 5.60 -0.72
CA SER B 40 -38.80 6.56 -1.75
C SER B 40 -39.87 7.51 -1.23
N ARG B 41 -40.07 8.63 -1.94
CA ARG B 41 -41.07 9.62 -1.56
C ARG B 41 -41.65 10.26 -2.82
N GLN B 42 -42.93 10.64 -2.75
CA GLN B 42 -43.58 11.31 -3.87
C GLN B 42 -44.40 12.48 -3.36
N ALA B 43 -44.05 13.67 -3.84
CA ALA B 43 -44.84 14.88 -3.65
C ALA B 43 -45.88 14.95 -4.77
N PRO B 44 -47.01 15.69 -4.59
CA PRO B 44 -48.01 15.81 -5.65
C PRO B 44 -47.43 16.66 -6.79
N GLY B 45 -47.56 16.16 -8.02
CA GLY B 45 -47.06 16.82 -9.20
C GLY B 45 -45.54 16.69 -9.36
N LYS B 46 -44.93 15.75 -8.63
CA LYS B 46 -43.54 15.41 -8.81
C LYS B 46 -43.43 13.90 -9.09
N SER B 47 -42.26 13.50 -9.62
CA SER B 47 -41.93 12.09 -9.82
C SER B 47 -41.48 11.47 -8.51
N LEU B 48 -41.69 10.15 -8.38
CA LEU B 48 -41.17 9.38 -7.26
C LEU B 48 -39.68 9.66 -7.12
N GLN B 49 -39.23 9.96 -5.90
CA GLN B 49 -37.86 10.36 -5.64
C GLN B 49 -37.24 9.42 -4.61
N TRP B 50 -35.99 9.00 -4.87
CA TRP B 50 -35.20 8.17 -3.97
C TRP B 50 -34.75 8.97 -2.76
N VAL B 51 -34.85 8.36 -1.58
CA VAL B 51 -34.46 8.98 -0.31
C VAL B 51 -33.19 8.31 0.22
N ALA B 52 -33.26 6.99 0.47
CA ALA B 52 -32.16 6.25 1.08
C ALA B 52 -32.31 4.75 0.83
N SER B 53 -31.21 4.02 1.04
CA SER B 53 -31.17 2.59 0.80
C SER B 53 -30.28 1.90 1.83
N MET B 54 -30.56 0.61 2.07
CA MET B 54 -29.71 -0.24 2.89
C MET B 54 -29.55 -1.59 2.18
N THR B 55 -28.28 -1.93 1.89
CA THR B 55 -27.96 -3.15 1.16
C THR B 55 -28.07 -4.37 2.07
N LYS B 56 -27.88 -5.54 1.47
CA LYS B 56 -27.83 -6.80 2.20
C LYS B 56 -26.60 -6.85 3.10
N THR B 57 -25.67 -5.91 2.91
CA THR B 57 -24.44 -5.83 3.68
C THR B 57 -24.59 -4.83 4.83
N ASN B 58 -25.81 -4.34 5.04
CA ASN B 58 -26.08 -3.33 6.05
C ASN B 58 -25.35 -2.03 5.68
N ASN B 59 -25.23 -1.78 4.38
CA ASN B 59 -24.61 -0.58 3.85
C ASN B 59 -25.69 0.48 3.64
N GLU B 60 -25.49 1.67 4.23
CA GLU B 60 -26.45 2.74 4.18
C GLU B 60 -26.05 3.75 3.10
N ILE B 61 -26.95 3.96 2.14
CA ILE B 61 -26.73 4.90 1.05
C ILE B 61 -27.82 5.98 1.10
N TYR B 62 -27.38 7.24 1.10
CA TYR B 62 -28.27 8.38 1.29
C TYR B 62 -28.24 9.31 0.09
N SER B 63 -29.42 9.79 -0.32
CA SER B 63 -29.54 10.86 -1.28
C SER B 63 -28.94 12.14 -0.71
N ASP B 64 -28.32 12.95 -1.58
CA ASP B 64 -27.58 14.14 -1.20
C ASP B 64 -28.45 15.13 -0.43
N SER B 65 -29.73 15.23 -0.83
CA SER B 65 -30.64 16.21 -0.28
C SER B 65 -31.01 15.89 1.17
N VAL B 66 -30.56 14.72 1.66
CA VAL B 66 -31.11 14.15 2.88
C VAL B 66 -29.98 13.76 3.83
N LYS B 67 -28.74 13.74 3.34
CA LYS B 67 -27.62 13.29 4.18
C LYS B 67 -27.36 14.31 5.28
N GLY B 68 -27.03 13.79 6.47
CA GLY B 68 -26.80 14.58 7.66
C GLY B 68 -28.09 14.88 8.43
N ARG B 69 -29.24 14.45 7.90
CA ARG B 69 -30.51 14.70 8.54
C ARG B 69 -31.26 13.39 8.78
N PHE B 70 -31.10 12.44 7.85
CA PHE B 70 -31.87 11.20 7.86
C PHE B 70 -30.98 10.02 8.23
N ILE B 71 -31.57 9.04 8.94
CA ILE B 71 -30.89 7.80 9.27
C ILE B 71 -31.83 6.64 8.99
N ILE B 72 -31.36 5.71 8.16
CA ILE B 72 -32.08 4.48 7.85
C ILE B 72 -31.50 3.38 8.73
N SER B 73 -32.36 2.51 9.26
CA SER B 73 -31.93 1.42 10.12
C SER B 73 -32.88 0.23 10.03
N ARG B 74 -32.38 -0.94 10.44
CA ARG B 74 -33.12 -2.19 10.44
C ARG B 74 -32.95 -2.87 11.80
N ASP B 75 -33.92 -3.71 12.17
CA ASP B 75 -33.70 -4.64 13.27
C ASP B 75 -32.84 -5.79 12.75
N ASN B 76 -32.40 -6.67 13.64
CA ASN B 76 -31.45 -7.71 13.29
C ASN B 76 -32.12 -8.80 12.44
N ALA B 77 -33.44 -8.95 12.59
CA ALA B 77 -34.21 -9.93 11.84
C ALA B 77 -34.46 -9.45 10.41
N LYS B 78 -34.23 -8.15 10.18
CA LYS B 78 -34.36 -7.52 8.87
C LYS B 78 -35.80 -7.62 8.38
N ASN B 79 -36.75 -7.45 9.32
CA ASN B 79 -38.18 -7.56 9.02
C ASN B 79 -38.88 -6.23 9.26
N THR B 80 -38.25 -5.34 10.03
CA THR B 80 -38.77 -3.99 10.22
C THR B 80 -37.66 -2.99 9.88
N VAL B 81 -38.02 -1.95 9.13
CA VAL B 81 -37.09 -0.90 8.73
C VAL B 81 -37.58 0.44 9.26
N TYR B 82 -36.63 1.30 9.63
CA TYR B 82 -36.94 2.61 10.19
C TYR B 82 -36.34 3.70 9.31
N LEU B 83 -36.96 4.89 9.34
CA LEU B 83 -36.35 6.09 8.78
C LEU B 83 -36.45 7.23 9.79
N GLN B 84 -35.35 7.45 10.53
CA GLN B 84 -35.26 8.62 11.38
C GLN B 84 -35.05 9.84 10.48
N MET B 85 -35.98 10.81 10.56
CA MET B 85 -35.81 12.03 9.81
C MET B 85 -35.85 13.24 10.74
N ASN B 86 -34.70 13.94 10.83
CA ASN B 86 -34.54 15.09 11.70
C ASN B 86 -34.41 16.35 10.86
N SER B 87 -34.56 17.50 11.53
CA SER B 87 -34.44 18.82 10.91
C SER B 87 -35.24 18.85 9.61
N LEU B 88 -36.52 18.51 9.71
CA LEU B 88 -37.37 18.41 8.52
C LEU B 88 -37.60 19.80 7.94
N LYS B 89 -37.68 19.85 6.60
CA LYS B 89 -37.97 21.06 5.85
C LYS B 89 -39.29 20.84 5.12
N PRO B 90 -40.02 21.91 4.70
CA PRO B 90 -41.23 21.73 3.89
C PRO B 90 -40.98 20.94 2.61
N GLU B 91 -39.74 21.00 2.13
CA GLU B 91 -39.22 20.28 0.98
C GLU B 91 -39.43 18.77 1.14
N ASP B 92 -39.46 18.29 2.39
CA ASP B 92 -39.48 16.88 2.71
C ASP B 92 -40.90 16.30 2.63
N THR B 93 -41.88 17.19 2.48
CA THR B 93 -43.29 16.84 2.50
C THR B 93 -43.58 15.86 1.35
N GLY B 94 -44.30 14.77 1.66
CA GLY B 94 -44.72 13.82 0.65
C GLY B 94 -45.12 12.48 1.24
N VAL B 95 -45.46 11.53 0.36
CA VAL B 95 -45.80 10.16 0.71
C VAL B 95 -44.54 9.30 0.59
N TYR B 96 -44.20 8.59 1.68
CA TYR B 96 -42.98 7.79 1.74
C TYR B 96 -43.30 6.31 1.55
N PHE B 97 -42.47 5.62 0.77
CA PHE B 97 -42.64 4.21 0.47
C PHE B 97 -41.40 3.43 0.86
N CYS B 98 -41.61 2.35 1.63
CA CYS B 98 -40.60 1.36 1.94
C CYS B 98 -40.73 0.19 0.96
N LYS B 99 -39.59 -0.24 0.40
CA LYS B 99 -39.55 -1.28 -0.61
C LYS B 99 -38.51 -2.34 -0.23
N GLY B 100 -38.99 -3.57 0.00
CA GLY B 100 -38.14 -4.74 0.09
C GLY B 100 -38.12 -5.48 -1.24
N PRO B 101 -37.40 -6.62 -1.35
CA PRO B 101 -37.40 -7.42 -2.58
C PRO B 101 -38.79 -7.77 -3.11
N GLU B 102 -39.72 -8.12 -2.21
CA GLU B 102 -41.07 -8.49 -2.60
C GLU B 102 -42.14 -7.76 -1.79
N LEU B 103 -41.72 -6.84 -0.90
CA LEU B 103 -42.67 -6.05 -0.11
C LEU B 103 -42.63 -4.60 -0.58
N ARG B 104 -43.80 -3.94 -0.51
CA ARG B 104 -43.84 -2.50 -0.65
C ARG B 104 -45.04 -1.93 0.10
N GLY B 105 -44.77 -0.90 0.92
CA GLY B 105 -45.77 -0.21 1.71
C GLY B 105 -46.74 0.58 0.84
N GLN B 106 -47.92 0.89 1.42
CA GLN B 106 -48.97 1.65 0.76
C GLN B 106 -48.61 3.13 0.74
N GLY B 107 -47.71 3.55 1.64
CA GLY B 107 -47.24 4.93 1.69
C GLY B 107 -47.61 5.63 3.00
N ILE B 108 -46.63 6.33 3.57
CA ILE B 108 -46.80 7.08 4.80
C ILE B 108 -46.74 8.57 4.47
N GLN B 109 -47.82 9.29 4.79
CA GLN B 109 -47.90 10.74 4.58
C GLN B 109 -46.98 11.44 5.57
N VAL B 110 -46.15 12.36 5.06
CA VAL B 110 -45.31 13.22 5.88
C VAL B 110 -45.57 14.67 5.47
N THR B 111 -45.87 15.52 6.46
CA THR B 111 -46.14 16.94 6.20
C THR B 111 -45.31 17.80 7.14
N VAL B 112 -44.55 18.73 6.55
CA VAL B 112 -43.75 19.68 7.31
C VAL B 112 -44.31 21.08 7.05
N SER B 113 -44.57 21.82 8.14
CA SER B 113 -45.55 22.90 8.16
C SER B 113 -44.97 24.26 7.75
N SER B 114 -43.88 24.67 8.42
CA SER B 114 -43.26 25.99 8.22
C SER B 114 -44.16 27.12 8.72
N1 UDP C . 16.63 -0.08 4.42
C2 UDP C . 17.04 0.54 5.63
N3 UDP C . 18.03 0.03 6.36
C4 UDP C . 18.66 -1.09 5.99
C5 UDP C . 18.27 -1.74 4.80
C6 UDP C . 17.25 -1.21 4.03
O2 UDP C . 16.52 1.59 6.03
O4 UDP C . 19.58 -1.54 6.72
C1' UDP C . 15.53 0.49 3.62
C2' UDP C . 16.00 1.75 2.90
O2' UDP C . 14.97 2.73 3.01
C3' UDP C . 16.14 1.29 1.46
C4' UDP C . 15.05 0.23 1.35
O4' UDP C . 15.07 -0.43 2.62
O3' UDP C . 16.00 2.37 0.53
C5' UDP C . 15.23 -0.78 0.22
O5' UDP C . 16.54 -1.36 0.20
PA UDP C . 17.11 -2.02 -1.15
O1A UDP C . 18.35 -2.77 -0.77
O2A UDP C . 17.22 -0.95 -2.22
O3A UDP C . 15.94 -3.04 -1.52
PB UDP C . 15.65 -3.61 -3.00
O1B UDP C . 16.88 -4.42 -3.34
O2B UDP C . 14.39 -4.40 -2.80
O3B UDP C . 15.47 -2.44 -3.91
C1 GLC D . 10.81 -3.45 -3.44
C2 GLC D . 11.56 -2.10 -3.39
C3 GLC D . 12.02 -1.78 -1.97
C4 GLC D . 11.16 -2.52 -0.93
C5 GLC D . 11.35 -4.03 -1.12
C6 GLC D . 10.33 -4.87 -0.34
O1 GLC D . 10.82 -4.02 -4.76
O2 GLC D . 12.69 -2.04 -4.29
O3 GLC D . 12.00 -0.36 -1.77
O4 GLC D . 11.51 -2.16 0.39
O5 GLC D . 11.32 -4.42 -2.50
O6 GLC D . 9.01 -4.73 -0.88
MN MN E . 16.83 -1.10 -4.27
MG MG F . 20.18 -1.25 -2.55
#